data_2IPU
#
_entry.id   2IPU
#
_cell.length_a   43.070
_cell.length_b   70.335
_cell.length_c   74.197
_cell.angle_alpha   72.32
_cell.angle_beta   86.08
_cell.angle_gamma   86.02
#
_symmetry.space_group_name_H-M   'P 1'
#
loop_
_entity.id
_entity.type
_entity.pdbx_description
1 polymer 'IgG2a Fab fragment Heavy Chain'
2 polymer 'IgG2a Fab fragment Light Chain Kappa'
3 polymer 'abeta 1-8 peptide'
4 non-polymer ACETAMIDE
5 non-polymer GLYCEROL
6 water water
#
loop_
_entity_poly.entity_id
_entity_poly.type
_entity_poly.pdbx_seq_one_letter_code
_entity_poly.pdbx_strand_id
1 'polypeptide(L)'
;DVLMTQTPLSLPVSLGDQASISCRSSQSIVHSNGNTYLEWYLQKPGQSPKLLIYKVSNRFSGVPDRFSGSGSGTDFTLKI
SRVEAEDLGVYYCFQGSHVPLTFGAGTKLELKRADAAPTVSIFPPSSEQLTSGGASVVCFLNNFYPKDINVKWKIDGSER
QNGVLNSWTDQDSKDSTYSMSSTLTLTKDEYERHNSYTCEATHKTSTSPIVKSFNRNEC
;
L,K
2 'polypeptide(L)'
;QVTLKESGPGILKPSQTLSLTCSFSGFSLSTSGMGVGWIRQPSGKGLEWLAHIWWDDDRSYNPSLKSQLTISKDAARNQV
FLRITSVDTADTATYYCVRRAHTTVLGDWFAYWGQGTLVTVSAAKTTAPSVYPLAPVCGGTTGSSVTLGCLVKGYFPEPV
TLTWNSGSLSSGVHTFPAVLQSGLYTLSSSVTVTSSTWPSQSITCNVAHPASSTKVDKKIEPRGPT
;
H,G
3 'polypeptide(L)' DAEFRHDS P,Q
#
# COMPACT_ATOMS: atom_id res chain seq x y z
N ASP A 1 36.92 31.06 13.61
CA ASP A 1 36.99 30.43 12.26
C ASP A 1 37.24 31.50 11.20
N VAL A 2 38.02 31.13 10.19
CA VAL A 2 38.28 32.03 9.06
C VAL A 2 37.12 31.84 8.10
N LEU A 3 36.28 32.87 8.01
CA LEU A 3 35.09 32.83 7.19
C LEU A 3 35.46 33.22 5.77
N MET A 4 35.02 32.41 4.82
CA MET A 4 35.31 32.64 3.39
C MET A 4 34.02 33.10 2.73
N THR A 5 34.02 34.35 2.27
CA THR A 5 32.82 34.99 1.73
C THR A 5 32.89 35.17 0.23
N GLN A 6 32.08 34.42 -0.49
CA GLN A 6 31.99 34.51 -1.97
C GLN A 6 30.89 35.47 -2.42
N THR A 7 31.20 36.26 -3.44
CA THR A 7 30.24 37.16 -4.09
C THR A 7 30.44 37.05 -5.63
N PRO A 8 29.35 36.91 -6.41
CA PRO A 8 27.95 36.68 -6.00
C PRO A 8 27.81 35.20 -5.65
N LEU A 9 26.66 34.78 -5.11
CA LEU A 9 26.41 33.36 -4.83
C LEU A 9 25.71 32.64 -6.01
N SER A 10 25.15 33.43 -6.93
CA SER A 10 24.62 32.93 -8.20
CA SER A 10 24.63 32.92 -8.20
C SER A 10 25.10 33.87 -9.30
N LEU A 11 25.64 33.29 -10.38
CA LEU A 11 26.22 34.08 -11.46
C LEU A 11 25.71 33.55 -12.82
N PRO A 12 24.67 34.19 -13.34
CA PRO A 12 24.25 33.83 -14.70
C PRO A 12 25.18 34.42 -15.75
N VAL A 13 25.55 33.60 -16.74
CA VAL A 13 26.46 34.04 -17.81
C VAL A 13 26.02 33.48 -19.14
N SER A 14 26.36 34.19 -20.21
CA SER A 14 26.19 33.63 -21.54
C SER A 14 27.46 32.89 -21.91
N LEU A 15 27.33 31.83 -22.69
CA LEU A 15 28.48 31.19 -23.29
C LEU A 15 29.36 32.23 -23.99
N GLY A 16 30.66 32.13 -23.73
CA GLY A 16 31.65 33.06 -24.27
C GLY A 16 31.94 34.30 -23.46
N ASP A 17 31.12 34.57 -22.43
CA ASP A 17 31.27 35.73 -21.52
C ASP A 17 32.45 35.48 -20.59
N GLN A 18 33.00 36.58 -20.06
CA GLN A 18 33.95 36.52 -18.95
C GLN A 18 33.11 36.40 -17.67
N ALA A 19 33.62 35.65 -16.70
CA ALA A 19 33.00 35.55 -15.39
C ALA A 19 34.05 35.73 -14.31
N SER A 20 33.66 36.39 -13.22
N SER A 20 33.69 36.43 -13.26
CA SER A 20 34.56 36.66 -12.09
CA SER A 20 34.57 36.54 -12.09
C SER A 20 33.86 36.47 -10.75
C SER A 20 33.78 36.25 -10.84
N ILE A 21 34.47 35.69 -9.85
CA ILE A 21 33.89 35.39 -8.55
C ILE A 21 34.88 35.91 -7.50
N SER A 22 34.38 36.71 -6.56
CA SER A 22 35.16 37.26 -5.47
C SER A 22 35.12 36.28 -4.27
N CYS A 23 36.26 36.12 -3.63
CA CYS A 23 36.37 35.37 -2.38
C CYS A 23 37.18 36.18 -1.41
N ARG A 24 36.55 36.57 -0.31
CA ARG A 24 37.24 37.34 0.74
C ARG A 24 37.27 36.52 2.03
N SER A 25 38.41 36.53 2.70
CA SER A 25 38.59 35.83 3.97
C SER A 25 38.57 36.84 5.11
N SER A 26 38.09 36.39 6.26
CA SER A 26 37.95 37.27 7.44
C SER A 26 39.28 37.62 8.11
N GLN A 27 40.33 36.88 7.77
CA GLN A 27 41.69 37.19 8.17
C GLN A 27 42.64 36.66 7.14
N SER A 28 43.91 37.08 7.23
CA SER A 28 44.87 36.67 6.20
C SER A 28 45.02 35.15 6.16
N ILE A 29 45.10 34.64 4.92
CA ILE A 29 45.32 33.24 4.58
C ILE A 29 46.80 32.97 4.34
N VAL A 30 47.65 33.98 4.54
CA VAL A 30 49.09 33.72 4.46
C VAL A 30 49.58 32.91 5.67
N HIS A 31 50.08 31.71 5.40
CA HIS A 31 50.61 30.83 6.44
C HIS A 31 51.99 31.32 6.84
N SER A 32 52.38 30.96 8.06
CA SER A 32 53.74 31.27 8.56
C SER A 32 54.90 30.86 7.63
N ASN A 33 54.70 29.82 6.81
CA ASN A 33 55.71 29.37 5.85
C ASN A 33 55.79 30.21 4.57
N GLY A 34 54.92 31.22 4.46
CA GLY A 34 54.95 32.17 3.35
C GLY A 34 53.99 31.89 2.22
N ASN A 35 53.45 30.67 2.21
CA ASN A 35 52.46 30.25 1.21
C ASN A 35 51.05 30.69 1.60
N THR A 36 50.22 30.91 0.59
CA THR A 36 48.82 31.27 0.78
C THR A 36 47.95 30.12 0.26
N TYR A 37 47.39 29.33 1.17
CA TYR A 37 46.66 28.11 0.78
C TYR A 37 45.21 28.43 0.45
N LEU A 38 45.05 29.15 -0.65
CA LEU A 38 43.76 29.54 -1.19
C LEU A 38 43.53 28.70 -2.42
N GLU A 39 42.52 27.83 -2.35
CA GLU A 39 42.20 26.93 -3.43
C GLU A 39 40.82 27.19 -3.97
N TRP A 40 40.61 26.90 -5.26
CA TRP A 40 39.29 26.91 -5.86
C TRP A 40 38.92 25.51 -6.39
N TYR A 41 37.68 25.07 -6.11
CA TYR A 41 37.13 23.77 -6.50
C TYR A 41 35.88 23.99 -7.32
N LEU A 42 35.65 23.12 -8.30
CA LEU A 42 34.38 23.10 -9.03
C LEU A 42 33.66 21.79 -8.79
N GLN A 43 32.38 21.87 -8.46
CA GLN A 43 31.56 20.68 -8.28
C GLN A 43 30.38 20.66 -9.24
N LYS A 44 30.29 19.58 -9.98
CA LYS A 44 29.19 19.39 -10.91
C LYS A 44 28.18 18.44 -10.29
N PRO A 45 26.91 18.52 -10.72
CA PRO A 45 25.89 17.71 -10.08
C PRO A 45 26.22 16.22 -10.11
N GLY A 46 25.98 15.53 -9.01
CA GLY A 46 26.26 14.11 -8.91
C GLY A 46 27.73 13.75 -8.84
N GLN A 47 28.58 14.73 -8.59
CA GLN A 47 30.03 14.48 -8.64
C GLN A 47 30.75 15.10 -7.43
N SER A 48 31.91 14.55 -7.10
CA SER A 48 32.76 15.11 -6.07
CA SER A 48 32.76 15.11 -6.07
C SER A 48 33.38 16.42 -6.61
N PRO A 49 33.76 17.33 -5.69
CA PRO A 49 34.46 18.54 -6.13
C PRO A 49 35.81 18.23 -6.79
N LYS A 50 36.23 19.08 -7.73
CA LYS A 50 37.47 18.91 -8.47
C LYS A 50 38.33 20.15 -8.26
N LEU A 51 39.61 19.93 -7.99
CA LEU A 51 40.57 21.01 -7.79
C LEU A 51 40.83 21.77 -9.08
N LEU A 52 40.70 23.09 -9.03
CA LEU A 52 41.02 23.95 -10.20
C LEU A 52 42.27 24.78 -10.03
N ILE A 53 42.39 25.42 -8.87
CA ILE A 53 43.43 26.40 -8.58
C ILE A 53 43.95 26.15 -7.18
N TYR A 54 45.27 26.26 -7.01
CA TYR A 54 45.88 26.15 -5.68
C TYR A 54 46.91 27.28 -5.48
N LYS A 55 47.22 27.57 -4.23
CA LYS A 55 48.10 28.72 -3.89
C LYS A 55 47.70 29.98 -4.70
N VAL A 56 46.41 30.33 -4.64
CA VAL A 56 45.84 31.55 -5.19
C VAL A 56 45.73 31.54 -6.72
N SER A 57 46.82 31.17 -7.39
CA SER A 57 46.95 31.45 -8.84
C SER A 57 47.58 30.36 -9.70
N ASN A 58 47.87 29.18 -9.13
CA ASN A 58 48.39 28.05 -9.90
C ASN A 58 47.29 27.15 -10.39
N ARG A 59 47.25 26.87 -11.69
CA ARG A 59 46.27 25.91 -12.23
C ARG A 59 46.69 24.47 -11.94
N PHE A 60 45.74 23.65 -11.49
CA PHE A 60 46.03 22.24 -11.35
C PHE A 60 46.18 21.58 -12.73
N SER A 61 46.93 20.48 -12.76
CA SER A 61 47.17 19.74 -14.00
C SER A 61 45.88 19.47 -14.74
N GLY A 62 45.89 19.74 -16.06
CA GLY A 62 44.71 19.54 -16.91
C GLY A 62 43.62 20.61 -16.88
N VAL A 63 43.79 21.62 -16.05
CA VAL A 63 42.82 22.71 -16.01
C VAL A 63 43.16 23.72 -17.12
N PRO A 64 42.18 24.03 -17.98
CA PRO A 64 42.45 24.87 -19.14
C PRO A 64 42.82 26.29 -18.73
N ASP A 65 43.59 26.98 -19.58
CA ASP A 65 44.09 28.30 -19.20
C ASP A 65 43.05 29.41 -19.22
N ARG A 66 41.81 29.11 -19.59
CA ARG A 66 40.73 30.10 -19.43
C ARG A 66 40.42 30.37 -17.94
N PHE A 67 40.87 29.45 -17.07
CA PHE A 67 40.73 29.64 -15.62
C PHE A 67 41.97 30.31 -15.05
N SER A 68 41.74 31.33 -14.23
CA SER A 68 42.83 31.92 -13.48
C SER A 68 42.38 32.37 -12.09
N GLY A 69 43.36 32.46 -11.21
CA GLY A 69 43.12 32.94 -9.86
C GLY A 69 44.10 34.04 -9.56
N SER A 70 43.66 35.02 -8.78
CA SER A 70 44.51 36.13 -8.39
C SER A 70 44.18 36.66 -7.01
N GLY A 71 45.04 37.52 -6.50
CA GLY A 71 44.80 38.21 -5.24
C GLY A 71 45.88 37.98 -4.22
N SER A 72 45.60 38.42 -3.01
CA SER A 72 46.60 38.37 -1.97
C SER A 72 45.95 38.59 -0.61
N GLY A 73 46.49 37.91 0.41
CA GLY A 73 46.16 38.20 1.79
C GLY A 73 44.76 37.76 2.21
N THR A 74 43.79 38.63 1.98
CA THR A 74 42.37 38.36 2.30
C THR A 74 41.43 38.48 1.09
N ASP A 75 41.96 38.84 -0.09
CA ASP A 75 41.11 39.25 -1.20
C ASP A 75 41.49 38.50 -2.45
N PHE A 76 40.58 37.68 -2.96
CA PHE A 76 40.91 36.76 -4.04
C PHE A 76 39.81 36.76 -5.12
N THR A 77 40.20 36.38 -6.33
CA THR A 77 39.26 36.34 -7.45
C THR A 77 39.57 35.13 -8.34
N LEU A 78 38.51 34.42 -8.72
CA LEU A 78 38.58 33.41 -9.75
C LEU A 78 38.01 34.05 -11.01
N LYS A 79 38.69 33.83 -12.13
CA LYS A 79 38.23 34.35 -13.40
C LYS A 79 38.16 33.26 -14.45
N ILE A 80 37.11 33.29 -15.26
CA ILE A 80 37.00 32.42 -16.44
C ILE A 80 36.88 33.31 -17.65
N SER A 81 37.79 33.17 -18.61
CA SER A 81 37.93 34.21 -19.66
C SER A 81 36.83 34.14 -20.71
N ARG A 82 36.40 32.91 -21.04
CA ARG A 82 35.32 32.62 -21.99
C ARG A 82 34.56 31.38 -21.46
N VAL A 83 33.38 31.59 -20.89
CA VAL A 83 32.63 30.51 -20.24
C VAL A 83 32.15 29.47 -21.27
N GLU A 84 32.42 28.19 -20.96
CA GLU A 84 31.91 27.05 -21.73
C GLU A 84 30.85 26.32 -20.91
N ALA A 85 30.03 25.52 -21.59
CA ALA A 85 28.98 24.76 -20.88
C ALA A 85 29.60 23.81 -19.84
N GLU A 86 30.79 23.29 -20.12
CA GLU A 86 31.47 22.42 -19.17
C GLU A 86 31.79 23.10 -17.82
N ASP A 87 31.84 24.44 -17.82
CA ASP A 87 32.21 25.24 -16.61
C ASP A 87 31.02 25.48 -15.67
N LEU A 88 29.82 25.19 -16.13
CA LEU A 88 28.64 25.42 -15.32
C LEU A 88 28.67 24.44 -14.14
N GLY A 89 28.29 24.94 -12.97
CA GLY A 89 28.35 24.16 -11.72
C GLY A 89 28.59 25.07 -10.54
N VAL A 90 29.03 24.52 -9.42
CA VAL A 90 29.22 25.29 -8.18
C VAL A 90 30.72 25.43 -7.87
N TYR A 91 31.16 26.68 -7.76
CA TYR A 91 32.54 27.03 -7.44
C TYR A 91 32.67 27.34 -5.94
N TYR A 92 33.64 26.72 -5.29
CA TYR A 92 34.00 26.99 -3.91
C TYR A 92 35.44 27.51 -3.81
N CYS A 93 35.62 28.67 -3.18
CA CYS A 93 36.96 28.96 -2.64
C CYS A 93 37.12 28.25 -1.29
N PHE A 94 38.38 28.15 -0.87
CA PHE A 94 38.76 27.36 0.28
C PHE A 94 40.07 27.92 0.86
N GLN A 95 40.18 27.94 2.18
CA GLN A 95 41.46 28.21 2.81
C GLN A 95 41.95 27.01 3.63
N GLY A 96 43.22 26.69 3.46
CA GLY A 96 43.84 25.55 4.11
C GLY A 96 44.94 25.95 5.07
N SER A 97 45.07 27.24 5.36
CA SER A 97 46.14 27.71 6.25
C SER A 97 45.81 27.49 7.74
N HIS A 98 44.54 27.62 8.11
CA HIS A 98 44.14 27.73 9.52
C HIS A 98 43.09 26.69 9.87
N VAL A 99 43.16 26.16 11.08
CA VAL A 99 42.16 25.19 11.56
C VAL A 99 41.02 25.97 12.24
N PRO A 100 39.73 25.66 11.90
CA PRO A 100 39.30 24.64 10.96
C PRO A 100 39.46 25.10 9.51
N LEU A 101 39.82 24.18 8.63
CA LEU A 101 39.79 24.42 7.17
C LEU A 101 38.37 24.79 6.79
N THR A 102 38.22 25.80 5.93
CA THR A 102 36.90 26.32 5.64
C THR A 102 36.74 26.61 4.13
N PHE A 103 35.52 26.32 3.65
CA PHE A 103 35.09 26.61 2.27
C PHE A 103 34.15 27.82 2.27
N GLY A 104 34.09 28.55 1.17
CA GLY A 104 33.04 29.53 0.96
C GLY A 104 31.72 28.81 0.72
N ALA A 105 30.65 29.58 0.62
CA ALA A 105 29.29 29.00 0.53
C ALA A 105 29.01 28.31 -0.80
N GLY A 106 29.80 28.61 -1.82
CA GLY A 106 29.57 28.10 -3.17
C GLY A 106 28.86 29.11 -4.03
N THR A 107 29.35 29.27 -5.27
CA THR A 107 28.78 30.20 -6.26
C THR A 107 28.34 29.36 -7.45
N LYS A 108 27.05 29.40 -7.77
CA LYS A 108 26.53 28.63 -8.87
CA LYS A 108 26.56 28.61 -8.88
C LYS A 108 26.63 29.43 -10.16
N LEU A 109 27.43 28.92 -11.11
CA LEU A 109 27.58 29.47 -12.42
C LEU A 109 26.47 28.84 -13.27
N GLU A 110 25.55 29.68 -13.73
CA GLU A 110 24.35 29.22 -14.44
C GLU A 110 24.26 29.93 -15.79
N LEU A 111 23.39 29.44 -16.65
CA LEU A 111 23.30 29.96 -18.00
C LEU A 111 22.20 31.02 -18.15
N LYS A 112 22.54 32.12 -18.81
CA LYS A 112 21.59 33.15 -19.20
C LYS A 112 20.77 32.70 -20.36
N ARG A 113 19.51 33.08 -20.35
CA ARG A 113 18.59 32.91 -21.49
C ARG A 113 17.54 34.04 -21.44
N ALA A 114 16.67 34.09 -22.43
CA ALA A 114 15.63 35.11 -22.51
C ALA A 114 14.70 34.98 -21.33
N ASP A 115 14.20 36.11 -20.86
CA ASP A 115 13.14 36.09 -19.85
C ASP A 115 11.98 35.21 -20.30
N ALA A 116 11.35 34.56 -19.32
CA ALA A 116 10.16 33.76 -19.54
C ALA A 116 9.29 33.82 -18.31
N ALA A 117 8.04 34.21 -18.51
CA ALA A 117 7.06 34.27 -17.42
C ALA A 117 6.62 32.87 -17.02
N PRO A 118 6.40 32.65 -15.71
CA PRO A 118 5.97 31.28 -15.32
C PRO A 118 4.58 31.00 -15.79
N THR A 119 4.34 29.74 -16.16
CA THR A 119 2.99 29.24 -16.40
C THR A 119 2.49 28.65 -15.08
N VAL A 120 1.37 29.16 -14.56
CA VAL A 120 0.93 28.81 -13.21
C VAL A 120 -0.36 27.99 -13.32
N SER A 121 -0.41 26.86 -12.60
CA SER A 121 -1.57 25.97 -12.60
C SER A 121 -1.86 25.62 -11.17
N ILE A 122 -3.14 25.66 -10.77
CA ILE A 122 -3.53 25.33 -9.42
C ILE A 122 -4.40 24.05 -9.46
N PHE A 123 -4.24 23.21 -8.44
CA PHE A 123 -4.91 21.92 -8.34
C PHE A 123 -5.53 21.69 -6.99
N PRO A 124 -6.89 21.58 -6.95
CA PRO A 124 -7.55 21.27 -5.70
C PRO A 124 -7.18 19.86 -5.19
N PRO A 125 -7.52 19.57 -3.93
CA PRO A 125 -7.38 18.23 -3.41
C PRO A 125 -8.10 17.17 -4.27
N SER A 126 -7.47 16.00 -4.42
CA SER A 126 -8.07 14.89 -5.16
C SER A 126 -9.15 14.23 -4.28
N SER A 127 -10.12 13.59 -4.93
CA SER A 127 -11.08 12.73 -4.24
C SER A 127 -10.41 11.68 -3.35
N GLU A 128 -9.33 11.09 -3.87
CA GLU A 128 -8.58 10.10 -3.14
C GLU A 128 -8.01 10.61 -1.82
N GLN A 129 -7.39 11.79 -1.87
CA GLN A 129 -6.82 12.33 -0.65
C GLN A 129 -7.93 12.71 0.34
N LEU A 130 -8.99 13.32 -0.16
CA LEU A 130 -10.09 13.76 0.70
C LEU A 130 -10.68 12.57 1.47
N THR A 131 -10.79 11.43 0.79
CA THR A 131 -11.28 10.18 1.42
C THR A 131 -10.45 9.79 2.65
N SER A 132 -9.14 10.04 2.61
CA SER A 132 -8.25 9.69 3.72
C SER A 132 -8.13 10.74 4.82
N GLY A 133 -8.80 11.89 4.68
CA GLY A 133 -8.81 12.92 5.71
C GLY A 133 -7.88 14.12 5.52
N GLY A 134 -7.11 14.12 4.43
CA GLY A 134 -6.25 15.24 4.07
C GLY A 134 -6.71 16.05 2.88
N ALA A 135 -6.05 17.19 2.68
CA ALA A 135 -6.38 18.08 1.60
C ALA A 135 -5.18 18.94 1.23
N SER A 136 -4.48 18.52 0.18
CA SER A 136 -3.36 19.29 -0.34
C SER A 136 -3.81 20.10 -1.57
N VAL A 137 -3.44 21.39 -1.61
CA VAL A 137 -3.62 22.24 -2.77
C VAL A 137 -2.22 22.44 -3.40
N VAL A 138 -2.10 22.19 -4.69
CA VAL A 138 -0.80 22.23 -5.36
C VAL A 138 -0.83 23.33 -6.39
N CYS A 139 0.29 24.01 -6.50
CA CYS A 139 0.48 25.00 -7.52
C CYS A 139 1.80 24.74 -8.24
N PHE A 140 1.73 24.62 -9.58
CA PHE A 140 2.95 24.55 -10.42
C PHE A 140 3.24 25.92 -11.02
N LEU A 141 4.50 26.34 -10.92
CA LEU A 141 4.99 27.57 -11.53
C LEU A 141 6.11 27.11 -12.45
N ASN A 142 5.80 26.97 -13.74
CA ASN A 142 6.66 26.24 -14.66
C ASN A 142 7.35 27.07 -15.74
N ASN A 143 8.60 26.67 -16.03
CA ASN A 143 9.36 27.15 -17.18
C ASN A 143 9.55 28.67 -17.21
N PHE A 144 10.07 29.22 -16.11
CA PHE A 144 10.32 30.65 -16.01
C PHE A 144 11.82 30.95 -16.02
N TYR A 145 12.13 32.18 -16.30
CA TYR A 145 13.49 32.67 -16.24
C TYR A 145 13.43 34.20 -16.10
N PRO A 146 14.26 34.79 -15.20
CA PRO A 146 15.26 34.24 -14.28
C PRO A 146 14.65 33.43 -13.13
N LYS A 147 15.54 32.82 -12.36
CA LYS A 147 15.16 31.83 -11.38
C LYS A 147 14.48 32.38 -10.16
N ASP A 148 14.65 33.67 -9.90
CA ASP A 148 14.12 34.24 -8.66
CA ASP A 148 14.13 34.32 -8.70
C ASP A 148 12.61 34.40 -8.77
N ILE A 149 11.92 33.83 -7.78
CA ILE A 149 10.48 33.73 -7.79
C ILE A 149 9.97 33.59 -6.35
N ASN A 150 8.76 34.06 -6.15
CA ASN A 150 8.08 33.84 -4.89
C ASN A 150 6.64 33.44 -5.09
N VAL A 151 6.16 32.59 -4.20
CA VAL A 151 4.78 32.13 -4.25
C VAL A 151 4.09 32.55 -2.96
N LYS A 152 2.81 32.88 -3.06
CA LYS A 152 2.03 33.23 -1.89
C LYS A 152 0.68 32.55 -1.98
N TRP A 153 0.30 31.86 -0.91
CA TRP A 153 -1.01 31.25 -0.81
C TRP A 153 -1.97 32.18 -0.08
N LYS A 154 -3.23 32.20 -0.52
CA LYS A 154 -4.28 32.85 0.24
C LYS A 154 -5.47 31.91 0.37
N ILE A 155 -6.10 31.97 1.54
CA ILE A 155 -7.34 31.26 1.81
C ILE A 155 -8.38 32.32 2.20
N ASP A 156 -9.49 32.36 1.47
CA ASP A 156 -10.52 33.37 1.69
C ASP A 156 -9.90 34.77 1.69
N GLY A 157 -8.93 34.99 0.80
CA GLY A 157 -8.40 36.31 0.55
C GLY A 157 -7.23 36.72 1.43
N SER A 158 -6.97 36.00 2.51
CA SER A 158 -5.86 36.35 3.40
C SER A 158 -4.70 35.38 3.26
N GLU A 159 -3.49 35.90 3.39
CA GLU A 159 -2.29 35.11 3.26
C GLU A 159 -2.29 33.93 4.20
N ARG A 160 -1.86 32.77 3.71
CA ARG A 160 -1.65 31.62 4.58
C ARG A 160 -0.18 31.23 4.55
N GLN A 161 0.54 31.51 5.63
CA GLN A 161 2.00 31.36 5.66
C GLN A 161 2.43 29.95 6.12
N ASN A 162 1.55 29.23 6.80
CA ASN A 162 1.87 27.91 7.38
C ASN A 162 1.29 26.75 6.57
N GLY A 163 1.99 25.62 6.58
CA GLY A 163 1.53 24.40 5.90
C GLY A 163 1.98 24.29 4.46
N VAL A 164 2.94 25.14 4.06
CA VAL A 164 3.42 25.21 2.69
C VAL A 164 4.78 24.51 2.57
N LEU A 165 4.89 23.65 1.58
CA LEU A 165 6.18 23.03 1.21
C LEU A 165 6.45 23.31 -0.25
N ASN A 166 7.71 23.66 -0.52
CA ASN A 166 8.12 24.02 -1.85
C ASN A 166 9.25 23.14 -2.36
N SER A 167 9.29 22.95 -3.67
CA SER A 167 10.38 22.28 -4.38
C SER A 167 10.73 23.01 -5.67
N TRP A 168 12.03 23.11 -5.95
CA TRP A 168 12.53 23.85 -7.10
C TRP A 168 13.39 22.94 -7.94
N THR A 169 13.18 22.91 -9.26
CA THR A 169 14.06 22.19 -10.20
C THR A 169 15.38 22.96 -10.37
N ASP A 170 16.41 22.24 -10.81
CA ASP A 170 17.63 22.87 -11.27
C ASP A 170 17.36 23.40 -12.66
N GLN A 171 18.26 24.22 -13.19
CA GLN A 171 18.06 24.78 -14.50
C GLN A 171 17.94 23.67 -15.54
N ASP A 172 16.94 23.78 -16.40
CA ASP A 172 16.61 22.71 -17.35
C ASP A 172 17.70 22.52 -18.41
N SER A 173 18.09 21.27 -18.64
CA SER A 173 19.18 20.93 -19.57
C SER A 173 18.87 21.32 -21.01
N LYS A 174 17.58 21.32 -21.36
CA LYS A 174 17.12 21.63 -22.72
C LYS A 174 16.75 23.10 -22.99
N ASP A 175 15.99 23.73 -22.09
CA ASP A 175 15.49 25.08 -22.36
C ASP A 175 15.97 26.14 -21.36
N SER A 176 16.81 25.74 -20.40
CA SER A 176 17.49 26.67 -19.48
C SER A 176 16.52 27.44 -18.57
N THR A 177 15.27 26.96 -18.50
CA THR A 177 14.34 27.57 -17.57
C THR A 177 14.37 26.87 -16.20
N TYR A 178 13.62 27.47 -15.27
CA TYR A 178 13.41 26.91 -13.94
C TYR A 178 11.93 26.63 -13.72
N SER A 179 11.64 25.74 -12.77
CA SER A 179 10.26 25.49 -12.36
C SER A 179 10.21 25.28 -10.87
N MET A 180 9.01 25.47 -10.31
CA MET A 180 8.78 25.34 -8.88
C MET A 180 7.42 24.67 -8.66
N SER A 181 7.32 23.92 -7.58
CA SER A 181 6.07 23.33 -7.12
C SER A 181 5.86 23.76 -5.66
N SER A 182 4.66 24.23 -5.32
CA SER A 182 4.32 24.62 -3.94
C SER A 182 3.06 23.83 -3.56
N THR A 183 3.07 23.26 -2.36
CA THR A 183 1.90 22.56 -1.85
C THR A 183 1.53 23.10 -0.48
N LEU A 184 0.27 23.50 -0.35
CA LEU A 184 -0.36 23.86 0.90
C LEU A 184 -1.13 22.63 1.42
N THR A 185 -0.73 22.10 2.57
CA THR A 185 -1.41 20.92 3.07
C THR A 185 -2.26 21.30 4.29
N LEU A 186 -3.54 21.01 4.17
CA LEU A 186 -4.53 21.23 5.22
C LEU A 186 -5.13 19.90 5.64
N THR A 187 -5.82 19.89 6.77
CA THR A 187 -6.72 18.77 7.03
C THR A 187 -7.93 18.94 6.13
N LYS A 188 -8.65 17.83 5.91
CA LYS A 188 -9.89 17.89 5.16
C LYS A 188 -10.84 18.83 5.90
N ASP A 189 -10.84 18.76 7.23
CA ASP A 189 -11.73 19.61 8.04
C ASP A 189 -11.51 21.10 7.75
N GLU A 190 -10.24 21.52 7.74
CA GLU A 190 -9.90 22.92 7.45
C GLU A 190 -10.23 23.28 6.01
N TYR A 191 -9.91 22.40 5.08
CA TYR A 191 -10.24 22.65 3.66
C TYR A 191 -11.76 22.89 3.47
N GLU A 192 -12.56 22.13 4.19
CA GLU A 192 -14.04 22.22 4.12
C GLU A 192 -14.65 23.40 4.88
N ARG A 193 -13.85 24.06 5.69
CA ARG A 193 -14.29 25.21 6.48
C ARG A 193 -14.07 26.56 5.79
N HIS A 194 -13.21 26.57 4.77
CA HIS A 194 -12.92 27.76 3.96
C HIS A 194 -13.30 27.45 2.53
N ASN A 195 -13.24 28.45 1.65
CA ASN A 195 -13.73 28.26 0.28
C ASN A 195 -12.85 28.73 -0.87
N SER A 196 -12.30 29.93 -0.78
CA SER A 196 -11.49 30.49 -1.87
C SER A 196 -10.01 30.12 -1.66
N TYR A 197 -9.41 29.44 -2.63
CA TYR A 197 -7.97 29.04 -2.55
C TYR A 197 -7.17 29.66 -3.70
N THR A 198 -6.08 30.35 -3.37
CA THR A 198 -5.36 31.18 -4.33
C THR A 198 -3.86 30.93 -4.24
N CYS A 199 -3.24 30.72 -5.40
CA CYS A 199 -1.78 30.69 -5.56
CA CYS A 199 -1.77 30.78 -5.44
C CYS A 199 -1.38 31.94 -6.34
N GLU A 200 -0.44 32.74 -5.83
CA GLU A 200 0.02 33.97 -6.47
C GLU A 200 1.52 33.92 -6.73
N ALA A 201 1.93 34.11 -7.98
CA ALA A 201 3.35 34.07 -8.35
C ALA A 201 3.88 35.48 -8.62
N THR A 202 5.01 35.80 -7.98
CA THR A 202 5.72 37.05 -8.16
C THR A 202 7.07 36.79 -8.85
N HIS A 203 7.29 37.48 -9.96
CA HIS A 203 8.43 37.23 -10.87
C HIS A 203 8.71 38.51 -11.66
N LYS A 204 9.96 38.74 -12.02
CA LYS A 204 10.33 40.04 -12.65
C LYS A 204 9.64 40.35 -13.96
N THR A 205 9.11 39.31 -14.62
CA THR A 205 8.43 39.48 -15.90
C THR A 205 7.05 40.18 -15.80
N SER A 206 6.59 40.45 -14.58
CA SER A 206 5.35 41.23 -14.36
C SER A 206 5.45 42.07 -13.09
N THR A 207 4.88 43.29 -13.14
CA THR A 207 4.83 44.21 -12.00
C THR A 207 3.73 43.81 -10.98
N SER A 208 2.76 43.03 -11.44
CA SER A 208 1.75 42.41 -10.58
C SER A 208 1.81 40.87 -10.60
N PRO A 209 1.44 40.23 -9.48
CA PRO A 209 1.49 38.75 -9.45
C PRO A 209 0.54 38.08 -10.45
N ILE A 210 0.92 36.89 -10.93
CA ILE A 210 0.02 35.99 -11.65
C ILE A 210 -0.82 35.26 -10.60
N VAL A 211 -2.14 35.32 -10.72
CA VAL A 211 -3.08 34.77 -9.70
C VAL A 211 -3.89 33.62 -10.29
N LYS A 212 -3.84 32.46 -9.65
CA LYS A 212 -4.71 31.33 -9.98
C LYS A 212 -5.49 30.96 -8.72
N SER A 213 -6.80 30.84 -8.90
CA SER A 213 -7.66 30.50 -7.77
CA SER A 213 -7.72 30.60 -7.79
C SER A 213 -8.81 29.58 -8.15
N PHE A 214 -9.42 29.02 -7.12
CA PHE A 214 -10.68 28.29 -7.28
C PHE A 214 -11.49 28.37 -6.00
N ASN A 215 -12.79 28.09 -6.12
CA ASN A 215 -13.65 27.99 -4.98
C ASN A 215 -14.04 26.53 -4.75
N ARG A 216 -13.73 26.05 -3.57
CA ARG A 216 -14.02 24.69 -3.21
C ARG A 216 -15.46 24.31 -3.53
N ASN A 217 -16.39 25.18 -3.17
CA ASN A 217 -17.80 24.77 -3.22
C ASN A 217 -18.27 24.46 -4.67
N GLU A 218 -17.55 25.01 -5.65
CA GLU A 218 -17.84 24.84 -7.07
C GLU A 218 -17.17 23.65 -7.71
N CYS A 219 -16.25 22.98 -7.00
CA CYS A 219 -15.48 21.84 -7.54
C CYS A 219 -16.38 20.66 -7.85
N GLN B 1 47.83 4.50 -9.82
CA GLN B 1 46.68 5.46 -9.81
C GLN B 1 46.02 5.55 -8.42
N VAL B 2 45.75 6.78 -7.97
CA VAL B 2 45.16 7.02 -6.64
C VAL B 2 43.63 6.84 -6.62
N THR B 3 43.13 6.00 -5.71
CA THR B 3 41.70 5.80 -5.49
C THR B 3 41.35 5.81 -3.99
N LEU B 4 40.16 6.33 -3.66
CA LEU B 4 39.70 6.45 -2.29
C LEU B 4 38.25 6.02 -2.32
N LYS B 5 37.86 5.18 -1.38
CA LYS B 5 36.51 4.62 -1.36
C LYS B 5 35.94 4.63 0.05
N GLU B 6 34.85 5.38 0.23
CA GLU B 6 34.18 5.53 1.51
C GLU B 6 33.15 4.46 1.68
N SER B 7 32.98 4.01 2.91
CA SER B 7 31.86 3.16 3.24
C SER B 7 31.29 3.51 4.61
N GLY B 8 29.98 3.37 4.71
CA GLY B 8 29.25 3.66 5.94
C GLY B 8 28.01 2.79 6.05
N PRO B 9 27.17 3.05 7.07
CA PRO B 9 26.02 2.18 7.38
C PRO B 9 24.79 2.40 6.51
N GLY B 10 24.80 3.41 5.63
CA GLY B 10 23.65 3.77 4.83
C GLY B 10 22.60 4.61 5.56
N ILE B 11 21.91 3.98 6.53
CA ILE B 11 20.93 4.68 7.37
C ILE B 11 21.26 4.34 8.82
N LEU B 12 21.20 5.36 9.69
CA LEU B 12 21.18 5.15 11.14
C LEU B 12 20.18 6.09 11.83
N LYS B 13 19.88 5.83 13.10
CA LYS B 13 18.89 6.64 13.83
C LYS B 13 19.56 7.75 14.61
N PRO B 14 18.85 8.88 14.86
CA PRO B 14 19.40 9.90 15.72
C PRO B 14 19.82 9.32 17.07
N SER B 15 20.85 9.94 17.65
CA SER B 15 21.54 9.51 18.89
C SER B 15 22.54 8.34 18.73
N GLN B 16 22.51 7.64 17.59
CA GLN B 16 23.42 6.53 17.36
C GLN B 16 24.81 7.06 16.94
N THR B 17 25.76 6.15 16.85
CA THR B 17 27.13 6.47 16.49
C THR B 17 27.40 6.06 15.04
N LEU B 18 27.86 7.02 14.24
CA LEU B 18 28.23 6.78 12.83
C LEU B 18 29.67 6.33 12.74
N SER B 19 29.90 5.19 12.09
CA SER B 19 31.24 4.64 11.88
C SER B 19 31.58 4.56 10.38
N LEU B 20 32.42 5.49 9.92
CA LEU B 20 32.77 5.57 8.48
C LEU B 20 34.14 4.94 8.25
N THR B 21 34.31 4.33 7.08
CA THR B 21 35.60 3.79 6.67
C THR B 21 36.02 4.36 5.33
N CYS B 22 37.32 4.62 5.17
CA CYS B 22 37.87 5.01 3.88
C CYS B 22 38.99 4.02 3.55
N SER B 23 38.86 3.35 2.40
CA SER B 23 39.90 2.44 1.89
C SER B 23 40.50 3.08 0.63
N PHE B 24 41.82 3.12 0.56
CA PHE B 24 42.47 3.78 -0.56
C PHE B 24 43.60 2.93 -1.15
N SER B 25 43.96 3.29 -2.37
CA SER B 25 45.05 2.63 -3.06
C SER B 25 45.79 3.66 -3.91
N GLY B 26 47.00 3.31 -4.29
CA GLY B 26 47.82 4.17 -5.12
C GLY B 26 48.76 5.01 -4.28
N PHE B 27 48.66 4.87 -2.95
CA PHE B 27 49.51 5.58 -2.02
C PHE B 27 49.43 4.93 -0.65
N SER B 28 50.30 5.39 0.24
CA SER B 28 50.39 4.84 1.59
C SER B 28 50.36 5.98 2.61
N LEU B 29 49.58 5.79 3.67
CA LEU B 29 49.55 6.73 4.78
C LEU B 29 50.74 6.58 5.72
N SER B 30 51.65 5.64 5.45
CA SER B 30 52.91 5.52 6.20
CA SER B 30 52.90 5.55 6.22
C SER B 30 53.98 6.44 5.60
N THR B 31 53.73 6.95 4.41
CA THR B 31 54.64 7.90 3.75
C THR B 31 54.75 9.23 4.49
N SER B 32 55.98 9.66 4.81
CA SER B 32 56.20 10.93 5.52
C SER B 32 55.66 12.09 4.70
N GLY B 33 54.76 12.85 5.32
CA GLY B 33 54.12 13.97 4.65
C GLY B 33 52.68 13.68 4.25
N MET B 34 52.27 12.40 4.30
CA MET B 34 50.91 12.02 3.83
C MET B 34 49.84 12.19 4.90
N GLY B 35 48.64 12.57 4.46
CA GLY B 35 47.47 12.64 5.31
C GLY B 35 46.23 12.27 4.53
N VAL B 36 45.23 11.82 5.27
CA VAL B 36 43.90 11.48 4.74
C VAL B 36 42.82 11.97 5.73
N GLY B 37 41.69 12.41 5.20
CA GLY B 37 40.69 13.11 5.99
C GLY B 37 39.28 13.01 5.44
N TRP B 38 38.39 13.80 6.03
CA TRP B 38 36.96 13.75 5.73
C TRP B 38 36.36 15.13 5.58
N ILE B 39 35.55 15.28 4.55
CA ILE B 39 34.72 16.46 4.35
C ILE B 39 33.32 15.95 4.05
N ARG B 40 32.30 16.69 4.50
CA ARG B 40 30.91 16.30 4.22
C ARG B 40 30.08 17.40 3.60
N GLN B 41 28.97 16.99 3.00
CA GLN B 41 28.09 17.90 2.29
C GLN B 41 26.64 17.38 2.41
N PRO B 42 25.79 18.11 3.15
CA PRO B 42 24.35 17.85 3.06
C PRO B 42 23.83 18.15 1.66
N SER B 43 22.81 17.43 1.24
CA SER B 43 22.27 17.59 -0.11
C SER B 43 21.82 19.04 -0.37
N GLY B 44 22.28 19.61 -1.46
CA GLY B 44 21.92 20.97 -1.80
C GLY B 44 22.62 22.05 -0.99
N LYS B 45 23.55 21.66 -0.10
CA LYS B 45 24.27 22.63 0.74
C LYS B 45 25.76 22.55 0.50
N GLY B 46 26.52 23.36 1.26
CA GLY B 46 27.96 23.43 1.07
C GLY B 46 28.82 22.34 1.71
N LEU B 47 30.13 22.59 1.70
CA LEU B 47 31.12 21.65 2.15
C LEU B 47 31.61 22.05 3.53
N GLU B 48 31.69 21.05 4.39
CA GLU B 48 32.15 21.21 5.77
C GLU B 48 33.31 20.25 6.05
N TRP B 49 34.46 20.80 6.43
CA TRP B 49 35.62 19.98 6.75
C TRP B 49 35.41 19.39 8.15
N LEU B 50 35.76 18.12 8.29
CA LEU B 50 35.60 17.40 9.56
C LEU B 50 36.90 17.13 10.30
N ALA B 51 37.84 16.43 9.67
CA ALA B 51 39.05 16.01 10.34
C ALA B 51 40.08 15.50 9.33
N HIS B 52 41.33 15.46 9.77
CA HIS B 52 42.43 14.93 8.95
C HIS B 52 43.35 14.23 9.88
N ILE B 53 43.93 13.13 9.42
CA ILE B 53 44.89 12.40 10.20
C ILE B 53 46.16 12.23 9.39
N TRP B 54 47.28 12.43 10.04
CA TRP B 54 48.59 12.41 9.40
C TRP B 54 49.30 11.09 9.64
N TRP B 55 50.26 10.85 8.76
CA TRP B 55 51.12 9.68 8.77
C TRP B 55 51.71 9.39 10.15
N ASP B 56 51.97 10.45 10.92
CA ASP B 56 52.62 10.30 12.23
C ASP B 56 51.67 10.40 13.42
N ASP B 57 50.37 10.20 13.17
CA ASP B 57 49.32 10.22 14.22
C ASP B 57 48.86 11.57 14.74
N ASP B 58 49.49 12.66 14.27
CA ASP B 58 48.96 14.00 14.49
C ASP B 58 47.55 14.02 13.87
N ARG B 59 46.55 14.33 14.69
CA ARG B 59 45.14 14.38 14.27
C ARG B 59 44.67 15.84 14.30
N SER B 60 44.00 16.30 13.24
CA SER B 60 43.45 17.65 13.20
C SER B 60 41.91 17.60 13.06
N TYR B 61 41.19 18.32 13.93
CA TYR B 61 39.73 18.29 13.95
C TYR B 61 39.09 19.65 13.76
N ASN B 62 37.89 19.66 13.19
CA ASN B 62 37.04 20.84 13.23
C ASN B 62 36.61 21.07 14.70
N PRO B 63 37.07 22.17 15.35
CA PRO B 63 36.82 22.36 16.79
C PRO B 63 35.35 22.39 17.20
N SER B 64 34.48 22.88 16.32
CA SER B 64 33.04 22.94 16.61
C SER B 64 32.45 21.55 16.85
N LEU B 65 33.04 20.52 16.24
CA LEU B 65 32.52 19.14 16.32
C LEU B 65 33.39 18.23 17.18
N LYS B 66 34.27 18.84 17.98
CA LYS B 66 35.27 18.07 18.73
C LYS B 66 34.64 17.04 19.66
N SER B 67 33.46 17.34 20.21
CA SER B 67 32.82 16.44 21.19
C SER B 67 32.21 15.20 20.52
N GLN B 68 32.07 15.25 19.20
CA GLN B 68 31.42 14.16 18.44
C GLN B 68 32.38 13.35 17.55
N LEU B 69 33.54 13.92 17.25
CA LEU B 69 34.44 13.35 16.23
C LEU B 69 35.63 12.62 16.81
N THR B 70 35.92 11.47 16.19
CA THR B 70 37.17 10.72 16.38
C THR B 70 37.67 10.17 15.04
N ILE B 71 38.87 10.58 14.63
CA ILE B 71 39.51 10.08 13.41
C ILE B 71 40.62 9.13 13.81
N SER B 72 40.73 8.04 13.10
CA SER B 72 41.80 7.06 13.32
C SER B 72 42.20 6.43 12.00
N LYS B 73 43.24 5.58 12.03
CA LYS B 73 43.73 4.93 10.82
C LYS B 73 44.26 3.53 11.07
N ASP B 74 44.46 2.81 9.97
CA ASP B 74 45.23 1.59 9.96
C ASP B 74 46.06 1.63 8.69
N ALA B 75 47.25 2.23 8.80
CA ALA B 75 48.14 2.45 7.66
C ALA B 75 48.47 1.16 6.92
N ALA B 76 48.71 0.08 7.66
CA ALA B 76 49.03 -1.23 7.09
C ALA B 76 47.94 -1.76 6.14
N ARG B 77 46.67 -1.48 6.46
CA ARG B 77 45.54 -1.97 5.67
C ARG B 77 44.98 -0.91 4.71
N ASN B 78 45.68 0.22 4.58
CA ASN B 78 45.25 1.35 3.76
C ASN B 78 43.84 1.81 4.09
N GLN B 79 43.57 2.00 5.38
CA GLN B 79 42.27 2.50 5.83
C GLN B 79 42.40 3.67 6.80
N VAL B 80 41.41 4.55 6.74
CA VAL B 80 41.16 5.59 7.73
C VAL B 80 39.68 5.50 8.14
N PHE B 81 39.40 5.91 9.38
CA PHE B 81 38.07 5.80 10.01
C PHE B 81 37.62 7.12 10.62
N LEU B 82 36.33 7.36 10.60
CA LEU B 82 35.75 8.48 11.32
C LEU B 82 34.56 7.98 12.12
N ARG B 83 34.57 8.33 13.40
CA ARG B 83 33.49 8.00 14.31
CA ARG B 83 33.50 8.00 14.35
C ARG B 83 32.81 9.31 14.69
N ILE B 84 31.49 9.38 14.53
CA ILE B 84 30.72 10.57 14.91
C ILE B 84 29.65 10.13 15.91
N THR B 85 29.81 10.50 17.17
CA THR B 85 28.83 10.15 18.19
C THR B 85 27.62 11.08 18.18
N SER B 86 26.48 10.57 18.66
CA SER B 86 25.27 11.36 18.89
C SER B 86 24.79 12.08 17.63
N VAL B 87 24.68 11.33 16.54
CA VAL B 87 24.24 11.92 15.29
C VAL B 87 22.80 12.38 15.41
N ASP B 88 22.45 13.39 14.65
CA ASP B 88 21.06 13.78 14.50
C ASP B 88 20.75 14.01 13.03
N THR B 89 19.55 14.48 12.76
CA THR B 89 19.10 14.55 11.38
C THR B 89 20.01 15.47 10.53
N ALA B 90 20.58 16.50 11.15
CA ALA B 90 21.47 17.45 10.45
C ALA B 90 22.82 16.86 10.02
N ASP B 91 23.15 15.66 10.50
CA ASP B 91 24.34 14.91 10.04
C ASP B 91 24.08 14.10 8.77
N THR B 92 22.86 14.14 8.27
CA THR B 92 22.53 13.55 6.97
C THR B 92 23.35 14.30 5.89
N ALA B 93 24.15 13.54 5.16
CA ALA B 93 25.10 14.12 4.20
C ALA B 93 25.83 13.08 3.40
N THR B 94 26.47 13.54 2.31
CA THR B 94 27.50 12.76 1.66
C THR B 94 28.84 13.05 2.34
N TYR B 95 29.53 11.97 2.66
CA TYR B 95 30.79 11.99 3.40
C TYR B 95 31.88 11.60 2.45
N TYR B 96 32.81 12.53 2.23
CA TYR B 96 33.93 12.31 1.31
C TYR B 96 35.22 12.05 2.03
N CYS B 97 35.97 11.07 1.52
CA CYS B 97 37.33 10.82 1.98
C CYS B 97 38.27 11.52 1.01
N VAL B 98 39.27 12.21 1.55
CA VAL B 98 40.19 13.01 0.74
C VAL B 98 41.63 12.83 1.17
N ARG B 99 42.55 12.83 0.21
CA ARG B 99 43.99 12.85 0.47
C ARG B 99 44.44 14.32 0.51
N ARG B 100 45.37 14.62 1.41
CA ARG B 100 46.09 15.90 1.37
C ARG B 100 47.42 15.70 2.09
N ALA B 101 48.50 16.11 1.45
CA ALA B 101 49.84 16.04 2.05
C ALA B 101 50.22 17.40 2.65
N HIS B 102 51.22 17.39 3.52
CA HIS B 102 51.74 18.65 4.12
C HIS B 102 53.11 19.01 3.51
N THR B 103 53.46 18.36 2.39
CA THR B 103 54.64 18.69 1.61
C THR B 103 54.26 19.05 0.16
N THR B 104 54.99 19.99 -0.42
CA THR B 104 54.74 20.41 -1.78
C THR B 104 54.75 19.24 -2.80
N VAL B 105 55.72 18.33 -2.65
CA VAL B 105 55.90 17.24 -3.60
CA VAL B 105 55.90 17.22 -3.60
C VAL B 105 54.76 16.20 -3.61
N LEU B 106 54.19 15.93 -2.43
CA LEU B 106 53.16 14.91 -2.30
C LEU B 106 51.74 15.45 -2.52
N GLY B 107 51.60 16.77 -2.63
CA GLY B 107 50.36 17.37 -3.09
C GLY B 107 49.59 17.95 -1.93
N ASP B 108 49.87 19.22 -1.66
CA ASP B 108 49.29 19.93 -0.51
C ASP B 108 48.04 20.67 -1.02
N TRP B 109 46.98 19.89 -1.18
CA TRP B 109 45.73 20.32 -1.79
C TRP B 109 44.76 19.13 -1.76
N PHE B 110 43.47 19.36 -1.97
CA PHE B 110 42.53 18.24 -2.13
C PHE B 110 42.35 17.89 -3.62
N ALA B 111 43.32 17.18 -4.19
CA ALA B 111 43.25 16.75 -5.60
C ALA B 111 42.42 15.46 -5.68
N TYR B 112 42.64 14.54 -4.74
CA TYR B 112 41.98 13.25 -4.77
C TYR B 112 40.84 13.19 -3.74
N TRP B 113 39.63 12.96 -4.27
CA TRP B 113 38.41 12.78 -3.50
C TRP B 113 37.80 11.41 -3.82
N GLY B 114 37.25 10.74 -2.83
CA GLY B 114 36.37 9.60 -3.12
C GLY B 114 35.07 10.08 -3.77
N GLN B 115 34.27 9.14 -4.25
CA GLN B 115 32.97 9.52 -4.82
C GLN B 115 31.96 9.87 -3.73
N GLY B 116 32.29 9.52 -2.49
CA GLY B 116 31.46 9.85 -1.33
C GLY B 116 30.53 8.71 -0.96
N THR B 117 30.16 8.65 0.33
CA THR B 117 29.12 7.70 0.83
C THR B 117 28.01 8.54 1.46
N LEU B 118 26.76 8.25 1.08
CA LEU B 118 25.60 8.95 1.65
C LEU B 118 25.22 8.27 2.94
N VAL B 119 25.05 9.09 3.98
CA VAL B 119 24.56 8.65 5.27
C VAL B 119 23.31 9.40 5.61
N THR B 120 22.23 8.66 5.88
CA THR B 120 20.96 9.25 6.18
C THR B 120 20.68 8.97 7.63
N VAL B 121 20.49 10.03 8.40
CA VAL B 121 20.17 9.91 9.81
C VAL B 121 18.68 10.18 9.97
N SER B 122 17.91 9.13 10.23
CA SER B 122 16.47 9.20 10.34
C SER B 122 15.94 8.09 11.24
N ALA B 123 14.88 8.46 11.95
CA ALA B 123 14.07 7.55 12.79
C ALA B 123 12.90 6.93 12.01
N ALA B 124 12.74 7.31 10.75
CA ALA B 124 11.57 6.91 9.98
C ALA B 124 11.59 5.43 9.69
N LYS B 125 10.39 4.84 9.60
CA LYS B 125 10.21 3.47 9.15
C LYS B 125 9.80 3.44 7.67
N THR B 126 10.04 2.34 7.00
CA THR B 126 9.58 2.17 5.62
C THR B 126 8.09 2.46 5.57
N THR B 127 7.72 3.37 4.68
CA THR B 127 6.37 3.90 4.56
C THR B 127 6.01 4.09 3.09
N ALA B 128 4.92 3.47 2.64
CA ALA B 128 4.48 3.57 1.27
C ALA B 128 3.81 4.92 1.04
N PRO B 129 4.03 5.53 -0.13
CA PRO B 129 3.37 6.80 -0.41
C PRO B 129 1.89 6.61 -0.78
N SER B 130 1.12 7.67 -0.63
CA SER B 130 -0.15 7.79 -1.32
C SER B 130 0.10 8.54 -2.62
N VAL B 131 -0.58 8.11 -3.67
CA VAL B 131 -0.45 8.72 -4.98
C VAL B 131 -1.76 9.40 -5.39
N TYR B 132 -1.69 10.70 -5.64
CA TYR B 132 -2.91 11.46 -5.97
C TYR B 132 -2.84 12.12 -7.35
N PRO B 133 -3.95 12.04 -8.11
CA PRO B 133 -4.04 12.66 -9.42
C PRO B 133 -4.31 14.17 -9.23
N LEU B 134 -3.65 15.01 -10.03
CA LEU B 134 -3.90 16.45 -9.98
C LEU B 134 -4.54 16.83 -11.31
N ALA B 135 -5.85 16.99 -11.27
CA ALA B 135 -6.63 17.35 -12.45
C ALA B 135 -6.92 18.85 -12.40
N PRO B 136 -7.00 19.47 -13.57
CA PRO B 136 -7.19 20.92 -13.61
C PRO B 136 -8.49 21.37 -12.96
N VAL B 137 -8.55 22.64 -12.60
CA VAL B 137 -9.81 23.20 -12.07
C VAL B 137 -10.94 23.04 -13.12
N CYS B 138 -12.18 22.96 -12.64
CA CYS B 138 -13.39 22.99 -13.49
C CYS B 138 -13.32 24.12 -14.50
N GLY B 139 -13.78 23.82 -15.72
CA GLY B 139 -13.74 24.76 -16.84
C GLY B 139 -13.40 24.04 -18.12
N GLY B 143 -5.04 28.95 -23.79
CA GLY B 143 -5.78 27.70 -23.69
C GLY B 143 -5.36 26.65 -24.70
N SER B 144 -4.20 26.86 -25.34
CA SER B 144 -3.65 25.88 -26.29
C SER B 144 -3.09 24.63 -25.59
N SER B 145 -2.75 24.78 -24.31
CA SER B 145 -2.17 23.67 -23.53
C SER B 145 -2.87 23.45 -22.18
N VAL B 146 -2.74 22.22 -21.69
CA VAL B 146 -3.29 21.85 -20.37
C VAL B 146 -2.15 21.23 -19.57
N THR B 147 -2.13 21.54 -18.28
CA THR B 147 -1.14 20.98 -17.36
C THR B 147 -1.83 20.09 -16.30
N LEU B 148 -1.30 18.86 -16.15
CA LEU B 148 -1.79 17.87 -15.18
C LEU B 148 -0.66 17.54 -14.23
N GLY B 149 -1.00 16.83 -13.17
CA GLY B 149 0.01 16.46 -12.23
C GLY B 149 -0.29 15.20 -11.46
N CYS B 150 0.71 14.88 -10.66
CA CYS B 150 0.71 13.75 -9.78
CA CYS B 150 0.62 13.79 -9.69
C CYS B 150 1.42 14.15 -8.48
N LEU B 151 0.80 13.89 -7.33
CA LEU B 151 1.37 14.16 -6.02
C LEU B 151 1.66 12.83 -5.34
N VAL B 152 2.90 12.63 -4.89
CA VAL B 152 3.35 11.41 -4.25
C VAL B 152 3.77 11.79 -2.82
N LYS B 153 2.89 11.48 -1.86
CA LYS B 153 3.02 12.01 -0.52
C LYS B 153 3.31 10.96 0.55
N GLY B 154 4.29 11.25 1.42
CA GLY B 154 4.51 10.48 2.64
C GLY B 154 5.20 9.13 2.48
N TYR B 155 6.39 9.13 1.89
CA TYR B 155 7.15 7.88 1.74
C TYR B 155 8.52 7.93 2.38
N PHE B 156 9.05 6.75 2.65
CA PHE B 156 10.42 6.56 3.17
C PHE B 156 10.79 5.09 2.98
N PRO B 157 12.05 4.80 2.60
CA PRO B 157 13.11 5.73 2.21
C PRO B 157 12.90 6.23 0.78
N GLU B 158 13.80 7.08 0.30
CA GLU B 158 13.90 7.35 -1.12
C GLU B 158 14.45 6.12 -1.85
N PRO B 159 14.23 6.06 -3.17
CA PRO B 159 13.48 6.96 -4.01
C PRO B 159 12.12 6.42 -4.39
N VAL B 160 11.39 7.27 -5.13
CA VAL B 160 10.26 6.83 -5.95
C VAL B 160 10.62 7.14 -7.37
N THR B 161 10.08 6.36 -8.29
CA THR B 161 10.14 6.66 -9.72
C THR B 161 8.74 7.06 -10.21
N LEU B 162 8.71 7.99 -11.16
CA LEU B 162 7.47 8.51 -11.71
C LEU B 162 7.64 8.75 -13.19
N THR B 163 6.77 8.09 -13.96
CA THR B 163 6.68 8.33 -15.40
C THR B 163 5.22 8.68 -15.78
N TRP B 164 5.07 9.13 -17.02
CA TRP B 164 3.78 9.45 -17.55
C TRP B 164 3.55 8.53 -18.75
N ASN B 165 2.41 7.83 -18.77
CA ASN B 165 2.13 6.86 -19.83
C ASN B 165 3.28 5.89 -20.07
N SER B 166 3.85 5.39 -18.97
CA SER B 166 4.93 4.41 -19.02
C SER B 166 6.22 4.90 -19.68
N GLY B 167 6.37 6.23 -19.78
CA GLY B 167 7.56 6.85 -20.37
C GLY B 167 7.31 7.36 -21.78
N SER B 168 6.20 6.95 -22.36
CA SER B 168 5.82 7.37 -23.71
C SER B 168 5.48 8.86 -23.81
N LEU B 169 5.15 9.48 -22.68
CA LEU B 169 4.99 10.91 -22.59
C LEU B 169 6.19 11.46 -21.81
N SER B 170 7.17 11.97 -22.56
CA SER B 170 8.43 12.46 -22.01
C SER B 170 8.55 13.97 -22.13
N SER B 171 8.16 14.51 -23.28
CA SER B 171 8.18 15.95 -23.52
CA SER B 171 8.15 15.95 -23.54
C SER B 171 7.18 16.66 -22.60
N GLY B 172 7.55 17.86 -22.16
CA GLY B 172 6.68 18.69 -21.33
C GLY B 172 6.49 18.18 -19.91
N VAL B 173 7.41 17.34 -19.43
CA VAL B 173 7.36 16.77 -18.08
C VAL B 173 8.38 17.43 -17.15
N HIS B 174 7.94 17.85 -15.96
CA HIS B 174 8.84 18.31 -14.88
C HIS B 174 8.61 17.42 -13.66
N THR B 175 9.65 16.74 -13.17
CA THR B 175 9.50 16.04 -11.90
C THR B 175 10.33 16.76 -10.85
N PHE B 176 9.68 17.19 -9.78
CA PHE B 176 10.29 18.03 -8.78
C PHE B 176 11.10 17.20 -7.78
N PRO B 177 12.22 17.75 -7.29
CA PRO B 177 13.00 17.02 -6.31
C PRO B 177 12.17 16.71 -5.06
N ALA B 178 12.38 15.53 -4.48
CA ALA B 178 11.68 15.22 -3.22
C ALA B 178 12.09 16.18 -2.11
N VAL B 179 11.15 16.42 -1.21
CA VAL B 179 11.38 17.24 -0.02
C VAL B 179 10.76 16.55 1.20
N LEU B 180 11.29 16.85 2.37
CA LEU B 180 10.73 16.29 3.60
C LEU B 180 9.50 17.05 4.10
N GLN B 181 8.45 16.28 4.41
CA GLN B 181 7.40 16.75 5.30
CA GLN B 181 7.33 16.68 5.26
C GLN B 181 7.59 15.93 6.57
N SER B 182 7.93 16.63 7.65
CA SER B 182 8.44 15.97 8.87
CA SER B 182 8.39 15.94 8.85
C SER B 182 9.46 14.88 8.46
N GLY B 183 9.21 13.60 8.78
CA GLY B 183 10.22 12.55 8.54
C GLY B 183 10.00 11.73 7.27
N LEU B 184 9.02 12.10 6.47
CA LEU B 184 8.71 11.42 5.21
C LEU B 184 8.92 12.36 4.02
N TYR B 185 9.11 11.76 2.84
CA TYR B 185 9.30 12.53 1.61
C TYR B 185 8.00 12.72 0.84
N THR B 186 7.99 13.79 0.05
CA THR B 186 6.92 14.10 -0.85
C THR B 186 7.53 14.65 -2.12
N LEU B 187 6.95 14.24 -3.23
CA LEU B 187 7.41 14.56 -4.57
C LEU B 187 6.18 14.85 -5.43
N SER B 188 6.34 15.65 -6.50
CA SER B 188 5.26 15.87 -7.46
C SER B 188 5.87 15.96 -8.84
N SER B 189 5.02 15.83 -9.83
CA SER B 189 5.45 15.92 -11.21
C SER B 189 4.32 16.57 -11.99
N SER B 190 4.65 17.38 -13.00
CA SER B 190 3.65 17.93 -13.89
C SER B 190 3.90 17.51 -15.34
N VAL B 191 2.83 17.42 -16.11
CA VAL B 191 2.95 17.13 -17.55
C VAL B 191 2.06 18.13 -18.29
N THR B 192 2.58 18.69 -19.37
CA THR B 192 1.87 19.68 -20.16
C THR B 192 1.73 19.15 -21.60
N VAL B 193 0.50 19.16 -22.09
CA VAL B 193 0.17 18.66 -23.42
C VAL B 193 -0.73 19.67 -24.10
N THR B 194 -0.90 19.56 -25.42
CA THR B 194 -1.88 20.40 -26.10
C THR B 194 -3.28 20.05 -25.62
N SER B 195 -4.17 21.05 -25.57
CA SER B 195 -5.54 20.87 -25.05
C SER B 195 -6.40 19.86 -25.82
N SER B 196 -6.04 19.62 -27.08
CA SER B 196 -6.75 18.63 -27.91
C SER B 196 -6.33 17.17 -27.58
N THR B 197 -5.24 17.00 -26.82
CA THR B 197 -4.76 15.69 -26.40
C THR B 197 -5.55 15.12 -25.21
N TRP B 198 -5.85 15.98 -24.23
CA TRP B 198 -6.50 15.56 -22.98
C TRP B 198 -7.74 16.42 -22.75
N PRO B 199 -8.85 15.83 -22.26
CA PRO B 199 -9.05 14.46 -21.76
C PRO B 199 -9.36 13.38 -22.80
N SER B 200 -9.33 13.75 -24.07
CA SER B 200 -9.70 12.82 -25.14
C SER B 200 -8.76 11.60 -25.18
N GLN B 201 -7.49 11.81 -24.88
CA GLN B 201 -6.51 10.71 -24.79
C GLN B 201 -6.07 10.50 -23.33
N SER B 202 -5.91 9.23 -22.97
CA SER B 202 -5.61 8.76 -21.62
C SER B 202 -4.24 9.23 -21.17
N ILE B 203 -4.17 9.81 -19.97
CA ILE B 203 -2.88 10.17 -19.37
C ILE B 203 -2.83 9.65 -17.94
N THR B 204 -1.79 8.87 -17.68
CA THR B 204 -1.61 8.13 -16.44
C THR B 204 -0.24 8.40 -15.86
N CYS B 205 -0.20 8.63 -14.55
CA CYS B 205 1.02 8.75 -13.80
CA CYS B 205 1.10 8.70 -13.89
C CYS B 205 1.40 7.36 -13.25
N ASN B 206 2.61 6.88 -13.56
CA ASN B 206 3.08 5.58 -13.05
C ASN B 206 4.13 5.85 -11.98
N VAL B 207 3.82 5.40 -10.77
CA VAL B 207 4.65 5.68 -9.58
C VAL B 207 5.08 4.37 -8.94
N ALA B 208 6.37 4.24 -8.65
CA ALA B 208 6.88 3.08 -7.95
C ALA B 208 7.65 3.54 -6.73
N HIS B 209 7.45 2.81 -5.64
CA HIS B 209 8.26 2.97 -4.42
C HIS B 209 8.77 1.57 -4.07
N PRO B 210 9.93 1.21 -4.66
CA PRO B 210 10.43 -0.15 -4.50
C PRO B 210 10.50 -0.64 -3.06
N ALA B 211 10.90 0.22 -2.13
CA ALA B 211 11.13 -0.23 -0.76
C ALA B 211 9.86 -0.80 -0.10
N SER B 212 8.67 -0.38 -0.55
CA SER B 212 7.39 -0.89 -0.01
C SER B 212 6.67 -1.76 -1.03
N SER B 213 7.36 -2.05 -2.13
CA SER B 213 6.84 -2.82 -3.27
C SER B 213 5.60 -2.17 -3.89
N THR B 214 5.49 -0.84 -3.72
CA THR B 214 4.33 -0.12 -4.23
C THR B 214 4.53 0.16 -5.73
N LYS B 215 3.47 -0.12 -6.49
CA LYS B 215 3.41 0.30 -7.90
C LYS B 215 2.00 0.82 -8.13
N VAL B 216 1.87 2.09 -8.48
CA VAL B 216 0.55 2.70 -8.71
C VAL B 216 0.48 3.35 -10.08
N ASP B 217 -0.57 3.01 -10.81
CA ASP B 217 -0.87 3.68 -12.07
C ASP B 217 -2.14 4.48 -11.83
N LYS B 218 -2.00 5.80 -11.90
CA LYS B 218 -3.09 6.72 -11.61
C LYS B 218 -3.50 7.49 -12.86
N LYS B 219 -4.64 7.11 -13.43
CA LYS B 219 -5.19 7.83 -14.57
C LYS B 219 -5.73 9.17 -14.09
N ILE B 220 -5.40 10.25 -14.80
CA ILE B 220 -5.90 11.57 -14.45
C ILE B 220 -7.28 11.74 -15.08
N GLU B 221 -8.31 11.91 -14.26
CA GLU B 221 -9.68 12.02 -14.77
CA GLU B 221 -9.68 12.04 -14.76
C GLU B 221 -10.12 13.49 -14.68
N PRO B 222 -10.78 14.01 -15.72
CA PRO B 222 -11.27 15.39 -15.59
C PRO B 222 -12.37 15.57 -14.53
N ARG B 223 -12.39 16.74 -13.91
CA ARG B 223 -13.42 17.09 -12.92
C ARG B 223 -14.79 17.31 -13.61
N GLY B 224 -15.87 17.13 -12.85
CA GLY B 224 -17.23 17.22 -13.38
C GLY B 224 -18.23 17.90 -12.45
N PRO B 225 -19.50 17.99 -12.89
CA PRO B 225 -20.50 18.77 -12.16
C PRO B 225 -21.18 18.03 -10.98
N THR B 226 -20.67 16.85 -10.63
CA THR B 226 -21.33 16.00 -9.64
C THR B 226 -20.31 15.35 -8.68
N ASP C 1 -6.54 -7.76 21.03
CA ASP C 1 -6.28 -8.52 19.76
C ASP C 1 -6.10 -7.57 18.56
N VAL C 2 -5.36 -8.03 17.55
CA VAL C 2 -5.10 -7.24 16.36
C VAL C 2 -6.28 -7.46 15.41
N LEU C 3 -6.99 -6.38 15.08
CA LEU C 3 -8.09 -6.40 14.15
C LEU C 3 -7.54 -6.11 12.77
N MET C 4 -7.96 -6.91 11.80
CA MET C 4 -7.46 -6.81 10.45
C MET C 4 -8.65 -6.35 9.61
N THR C 5 -8.64 -5.10 9.16
CA THR C 5 -9.81 -4.54 8.47
C THR C 5 -9.60 -4.46 6.94
N GLN C 6 -10.33 -5.31 6.21
CA GLN C 6 -10.26 -5.38 4.75
C GLN C 6 -11.33 -4.51 4.13
N THR C 7 -10.93 -3.77 3.10
CA THR C 7 -11.90 -3.04 2.31
C THR C 7 -11.53 -3.14 0.83
N PRO C 8 -12.55 -3.30 -0.04
CA PRO C 8 -13.95 -3.54 0.32
C PRO C 8 -14.10 -5.00 0.71
N LEU C 9 -15.29 -5.40 1.16
CA LEU C 9 -15.57 -6.82 1.48
C LEU C 9 -16.21 -7.59 0.31
N SER C 10 -16.74 -6.83 -0.66
CA SER C 10 -17.20 -7.39 -1.93
C SER C 10 -16.59 -6.53 -3.05
N LEU C 11 -16.02 -7.18 -4.05
CA LEU C 11 -15.30 -6.47 -5.11
C LEU C 11 -15.67 -7.09 -6.46
N PRO C 12 -16.66 -6.51 -7.13
CA PRO C 12 -16.97 -6.95 -8.50
C PRO C 12 -15.90 -6.46 -9.48
N VAL C 13 -15.42 -7.35 -10.34
CA VAL C 13 -14.39 -7.01 -11.32
C VAL C 13 -14.76 -7.60 -12.68
N SER C 14 -14.32 -6.97 -13.76
CA SER C 14 -14.48 -7.56 -15.09
C SER C 14 -13.19 -8.32 -15.37
N LEU C 15 -13.27 -9.46 -16.06
CA LEU C 15 -12.06 -10.20 -16.38
C LEU C 15 -11.13 -9.32 -17.24
N GLY C 16 -9.85 -9.29 -16.88
CA GLY C 16 -8.85 -8.47 -17.58
C GLY C 16 -8.53 -7.17 -16.88
N ASP C 17 -9.40 -6.74 -15.95
CA ASP C 17 -9.20 -5.49 -15.21
C ASP C 17 -8.35 -5.74 -13.96
N GLN C 18 -7.97 -4.65 -13.31
CA GLN C 18 -7.14 -4.74 -12.10
C GLN C 18 -8.05 -4.63 -10.89
N ALA C 19 -7.76 -5.39 -9.84
CA ALA C 19 -8.44 -5.29 -8.55
C ALA C 19 -7.42 -4.97 -7.46
N SER C 20 -7.84 -4.19 -6.48
CA SER C 20 -7.01 -3.86 -5.33
CA SER C 20 -7.01 -3.88 -5.35
C SER C 20 -7.84 -4.07 -4.07
N ILE C 21 -7.22 -4.72 -3.08
CA ILE C 21 -7.80 -4.97 -1.77
C ILE C 21 -6.90 -4.38 -0.68
N SER C 22 -7.50 -3.54 0.16
CA SER C 22 -6.86 -2.90 1.27
C SER C 22 -7.04 -3.71 2.54
N CYS C 23 -5.96 -3.80 3.32
CA CYS C 23 -5.95 -4.46 4.60
C CYS C 23 -5.21 -3.59 5.61
N ARG C 24 -5.88 -3.22 6.69
CA ARG C 24 -5.26 -2.40 7.72
C ARG C 24 -5.32 -3.09 9.07
N SER C 25 -4.20 -3.08 9.81
CA SER C 25 -4.14 -3.66 11.14
C SER C 25 -4.32 -2.57 12.18
N SER C 26 -4.94 -2.94 13.31
CA SER C 26 -5.20 -1.98 14.39
C SER C 26 -3.92 -1.59 15.13
N GLN C 27 -2.85 -2.38 14.93
CA GLN C 27 -1.49 -2.03 15.38
C GLN C 27 -0.45 -2.60 14.43
N SER C 28 0.81 -2.18 14.58
CA SER C 28 1.86 -2.58 13.64
CA SER C 28 1.85 -2.58 13.61
C SER C 28 2.05 -4.10 13.61
N ILE C 29 2.36 -4.61 12.43
CA ILE C 29 2.53 -6.04 12.23
C ILE C 29 4.01 -6.40 12.18
N VAL C 30 4.86 -5.40 12.43
CA VAL C 30 6.29 -5.65 12.52
C VAL C 30 6.62 -6.36 13.84
N HIS C 31 7.19 -7.57 13.74
CA HIS C 31 7.60 -8.42 14.85
C HIS C 31 8.97 -7.93 15.34
N SER C 32 9.31 -8.23 16.58
CA SER C 32 10.61 -7.84 17.18
C SER C 32 11.84 -8.31 16.38
N ASN C 33 11.71 -9.40 15.62
CA ASN C 33 12.81 -9.88 14.77
C ASN C 33 12.98 -9.09 13.45
N GLY C 34 12.11 -8.12 13.22
CA GLY C 34 12.20 -7.22 12.09
C GLY C 34 11.29 -7.54 10.94
N ASN C 35 10.73 -8.76 10.93
CA ASN C 35 9.84 -9.16 9.87
C ASN C 35 8.41 -8.69 10.16
N THR C 36 7.65 -8.52 9.09
CA THR C 36 6.22 -8.17 9.16
C THR C 36 5.48 -9.39 8.63
N TYR C 37 4.89 -10.18 9.53
CA TYR C 37 4.18 -11.42 9.13
C TYR C 37 2.75 -11.12 8.62
N LEU C 38 2.71 -10.50 7.47
CA LEU C 38 1.45 -10.16 6.78
C LEU C 38 1.34 -11.10 5.61
N GLU C 39 0.32 -11.94 5.64
CA GLU C 39 0.08 -12.92 4.58
C GLU C 39 -1.26 -12.69 3.93
N TRP C 40 -1.36 -13.08 2.66
CA TRP C 40 -2.61 -13.14 1.90
C TRP C 40 -2.93 -14.58 1.46
N TYR C 41 -4.21 -14.96 1.66
CA TYR C 41 -4.75 -16.27 1.32
C TYR C 41 -5.95 -16.10 0.38
N LEU C 42 -6.12 -17.08 -0.50
CA LEU C 42 -7.28 -17.16 -1.38
C LEU C 42 -8.02 -18.47 -1.12
N GLN C 43 -9.33 -18.38 -0.89
CA GLN C 43 -10.14 -19.56 -0.66
C GLN C 43 -11.26 -19.65 -1.68
N LYS C 44 -11.35 -20.80 -2.36
CA LYS C 44 -12.50 -21.15 -3.23
C LYS C 44 -13.53 -21.96 -2.45
N PRO C 45 -14.83 -21.93 -2.84
CA PRO C 45 -15.84 -22.64 -2.04
C PRO C 45 -15.59 -24.16 -1.95
N GLY C 46 -15.88 -24.74 -0.78
CA GLY C 46 -15.53 -26.14 -0.53
C GLY C 46 -14.06 -26.50 -0.63
N GLN C 47 -13.17 -25.51 -0.59
CA GLN C 47 -11.74 -25.79 -0.55
C GLN C 47 -11.08 -25.09 0.62
N SER C 48 -9.89 -25.57 0.96
CA SER C 48 -9.10 -24.97 2.02
CA SER C 48 -9.12 -24.97 2.02
C SER C 48 -8.42 -23.71 1.47
N PRO C 49 -8.15 -22.72 2.34
CA PRO C 49 -7.43 -21.53 1.88
C PRO C 49 -6.04 -21.89 1.34
N LYS C 50 -5.57 -21.09 0.39
CA LYS C 50 -4.28 -21.31 -0.27
C LYS C 50 -3.42 -20.04 -0.06
N LEU C 51 -2.15 -20.23 0.28
CA LEU C 51 -1.20 -19.15 0.49
C LEU C 51 -0.79 -18.52 -0.83
N LEU C 52 -0.93 -17.20 -0.90
CA LEU C 52 -0.50 -16.42 -2.06
C LEU C 52 0.73 -15.58 -1.80
N ILE C 53 0.73 -14.85 -0.69
CA ILE C 53 1.78 -13.84 -0.39
C ILE C 53 2.16 -13.95 1.06
N TYR C 54 3.45 -13.80 1.38
CA TYR C 54 3.91 -13.80 2.77
C TYR C 54 4.91 -12.65 2.96
N LYS C 55 5.12 -12.27 4.21
CA LYS C 55 5.97 -11.13 4.56
C LYS C 55 5.72 -9.94 3.62
N VAL C 56 4.42 -9.58 3.49
CA VAL C 56 3.90 -8.42 2.77
C VAL C 56 3.91 -8.53 1.24
N SER C 57 5.05 -8.92 0.67
CA SER C 57 5.28 -8.79 -0.75
C SER C 57 6.03 -9.96 -1.37
N ASN C 58 6.18 -11.09 -0.67
CA ASN C 58 6.79 -12.29 -1.27
C ASN C 58 5.73 -13.22 -1.84
N ARG C 59 5.72 -13.43 -3.15
CA ARG C 59 4.85 -14.47 -3.75
C ARG C 59 5.30 -15.87 -3.40
N PHE C 60 4.35 -16.68 -2.97
CA PHE C 60 4.58 -18.09 -2.75
C PHE C 60 4.79 -18.80 -4.09
N SER C 61 5.52 -19.90 -4.04
CA SER C 61 5.83 -20.65 -5.26
CA SER C 61 5.83 -20.68 -5.24
C SER C 61 4.56 -21.02 -6.03
N GLY C 62 4.65 -20.93 -7.36
CA GLY C 62 3.50 -21.20 -8.21
C GLY C 62 2.52 -20.06 -8.38
N VAL C 63 2.65 -18.96 -7.61
CA VAL C 63 1.74 -17.82 -7.75
C VAL C 63 2.23 -16.87 -8.84
N PRO C 64 1.38 -16.53 -9.82
CA PRO C 64 1.83 -15.70 -10.92
C PRO C 64 2.08 -14.24 -10.52
N ASP C 65 2.98 -13.57 -11.25
CA ASP C 65 3.41 -12.22 -10.89
C ASP C 65 2.33 -11.14 -11.11
N ARG C 66 1.18 -11.56 -11.62
CA ARG C 66 -0.05 -10.74 -11.63
C ARG C 66 -0.51 -10.38 -10.23
N PHE C 67 -0.15 -11.22 -9.25
CA PHE C 67 -0.44 -10.97 -7.83
C PHE C 67 0.71 -10.22 -7.21
N SER C 68 0.42 -9.09 -6.60
CA SER C 68 1.47 -8.36 -5.90
C SER C 68 0.97 -7.83 -4.58
N GLY C 69 1.78 -8.00 -3.54
CA GLY C 69 1.47 -7.47 -2.22
C GLY C 69 2.41 -6.33 -1.93
N SER C 70 1.90 -5.29 -1.27
CA SER C 70 2.69 -4.12 -0.97
C SER C 70 2.19 -3.51 0.33
N GLY C 71 2.94 -2.51 0.80
CA GLY C 71 2.57 -1.76 1.98
C GLY C 71 3.61 -1.79 3.06
N SER C 72 3.20 -1.34 4.23
CA SER C 72 4.04 -1.45 5.38
C SER C 72 3.32 -1.03 6.64
N GLY C 73 3.88 -1.51 7.76
CA GLY C 73 3.47 -1.09 9.10
C GLY C 73 2.09 -1.57 9.44
N THR C 74 1.10 -0.72 9.22
CA THR C 74 -0.30 -1.11 9.46
C THR C 74 -1.20 -1.08 8.21
N ASP C 75 -0.64 -0.73 7.05
CA ASP C 75 -1.42 -0.53 5.82
C ASP C 75 -0.82 -1.37 4.69
N PHE C 76 -1.63 -2.30 4.18
CA PHE C 76 -1.23 -3.26 3.16
C PHE C 76 -2.25 -3.34 2.03
N THR C 77 -1.77 -3.72 0.86
CA THR C 77 -2.60 -3.84 -0.34
C THR C 77 -2.22 -5.09 -1.12
N LEU C 78 -3.23 -5.85 -1.53
CA LEU C 78 -3.06 -6.89 -2.54
C LEU C 78 -3.57 -6.31 -3.84
N LYS C 79 -2.78 -6.40 -4.89
CA LYS C 79 -3.24 -6.01 -6.22
C LYS C 79 -3.18 -7.19 -7.17
N ILE C 80 -4.24 -7.34 -7.96
CA ILE C 80 -4.32 -8.42 -8.92
C ILE C 80 -4.50 -7.77 -10.27
N SER C 81 -3.51 -7.91 -11.12
CA SER C 81 -3.59 -7.41 -12.49
CA SER C 81 -3.60 -7.41 -12.48
C SER C 81 -4.16 -8.47 -13.40
N ARG C 82 -4.87 -8.03 -14.44
CA ARG C 82 -5.41 -8.92 -15.46
C ARG C 82 -6.17 -10.08 -14.79
N VAL C 83 -7.17 -9.75 -13.98
CA VAL C 83 -7.97 -10.76 -13.29
C VAL C 83 -8.53 -11.80 -14.28
N GLU C 84 -8.38 -13.06 -13.88
CA GLU C 84 -8.89 -14.23 -14.57
C GLU C 84 -9.93 -14.90 -13.69
N ALA C 85 -10.79 -15.70 -14.31
CA ALA C 85 -11.83 -16.43 -13.58
C ALA C 85 -11.25 -17.28 -12.43
N GLU C 86 -10.02 -17.78 -12.62
CA GLU C 86 -9.35 -18.60 -11.61
C GLU C 86 -9.11 -17.82 -10.33
N ASP C 87 -9.10 -16.48 -10.42
CA ASP C 87 -8.81 -15.61 -9.27
C ASP C 87 -10.05 -15.33 -8.42
N LEU C 88 -11.21 -15.71 -8.93
CA LEU C 88 -12.45 -15.38 -8.22
C LEU C 88 -12.59 -16.26 -6.98
N GLY C 89 -12.92 -15.63 -5.87
CA GLY C 89 -12.89 -16.33 -4.58
C GLY C 89 -12.85 -15.31 -3.46
N VAL C 90 -12.55 -15.81 -2.26
CA VAL C 90 -12.46 -14.96 -1.07
C VAL C 90 -11.01 -14.79 -0.62
N TYR C 91 -10.58 -13.53 -0.55
CA TYR C 91 -9.22 -13.17 -0.22
C TYR C 91 -9.19 -12.73 1.23
N TYR C 92 -8.26 -13.29 2.01
CA TYR C 92 -8.06 -12.94 3.40
C TYR C 92 -6.66 -12.37 3.60
N CYS C 93 -6.51 -11.22 4.27
CA CYS C 93 -5.21 -10.90 4.83
C CYS C 93 -5.13 -11.49 6.22
N PHE C 94 -3.92 -11.57 6.74
CA PHE C 94 -3.66 -12.30 7.97
C PHE C 94 -2.39 -11.78 8.63
N GLN C 95 -2.44 -11.63 9.96
CA GLN C 95 -1.22 -11.31 10.71
C GLN C 95 -0.80 -12.47 11.59
N GLY C 96 0.48 -12.82 11.48
CA GLY C 96 1.06 -13.94 12.21
C GLY C 96 2.10 -13.49 13.23
N SER C 97 2.17 -12.18 13.51
CA SER C 97 3.17 -11.66 14.46
C SER C 97 2.73 -11.76 15.91
N HIS C 98 1.44 -11.54 16.19
CA HIS C 98 0.93 -11.38 17.56
C HIS C 98 -0.12 -12.40 17.87
N VAL C 99 -0.15 -12.88 19.10
CA VAL C 99 -1.14 -13.86 19.52
C VAL C 99 -2.35 -13.08 20.09
N PRO C 100 -3.59 -13.42 19.67
CA PRO C 100 -3.94 -14.49 18.71
C PRO C 100 -3.66 -14.09 17.27
N LEU C 101 -3.26 -15.06 16.47
CA LEU C 101 -3.13 -14.83 15.02
C LEU C 101 -4.51 -14.50 14.50
N THR C 102 -4.59 -13.50 13.62
CA THR C 102 -5.90 -13.05 13.17
C THR C 102 -5.97 -12.81 11.65
N PHE C 103 -7.12 -13.18 11.09
CA PHE C 103 -7.46 -12.97 9.69
C PHE C 103 -8.41 -11.79 9.56
N GLY C 104 -8.41 -11.16 8.38
CA GLY C 104 -9.44 -10.19 8.03
C GLY C 104 -10.71 -10.97 7.77
N ALA C 105 -11.80 -10.25 7.55
CA ALA C 105 -13.11 -10.84 7.38
C ALA C 105 -13.32 -11.57 6.05
N GLY C 106 -12.46 -11.31 5.05
CA GLY C 106 -12.60 -11.89 3.73
C GLY C 106 -13.23 -10.92 2.74
N THR C 107 -12.57 -10.76 1.59
CA THR C 107 -13.08 -9.96 0.49
C THR C 107 -13.45 -10.89 -0.66
N LYS C 108 -14.70 -10.82 -1.09
CA LYS C 108 -15.17 -11.70 -2.16
C LYS C 108 -14.92 -11.02 -3.50
N LEU C 109 -14.04 -11.60 -4.32
CA LEU C 109 -13.78 -11.12 -5.69
C LEU C 109 -14.79 -11.84 -6.58
N GLU C 110 -15.68 -11.05 -7.16
CA GLU C 110 -16.83 -11.54 -7.90
C GLU C 110 -16.83 -10.92 -9.29
N LEU C 111 -17.57 -11.54 -10.20
CA LEU C 111 -17.58 -11.17 -11.61
C LEU C 111 -18.64 -10.10 -11.89
N LYS C 112 -18.20 -8.98 -12.48
CA LYS C 112 -19.12 -7.97 -12.97
C LYS C 112 -19.88 -8.52 -14.16
N ARG C 113 -21.14 -8.17 -14.26
CA ARG C 113 -21.93 -8.45 -15.46
C ARG C 113 -22.96 -7.36 -15.54
N ALA C 114 -23.74 -7.36 -16.63
CA ALA C 114 -24.80 -6.37 -16.82
C ALA C 114 -25.83 -6.46 -15.71
N ASP C 115 -26.49 -5.34 -15.43
CA ASP C 115 -27.59 -5.34 -14.46
C ASP C 115 -28.64 -6.36 -14.90
N ALA C 116 -29.30 -6.96 -13.91
CA ALA C 116 -30.44 -7.88 -14.13
C ALA C 116 -31.48 -7.61 -13.05
N ALA C 117 -32.70 -7.29 -13.48
CA ALA C 117 -33.81 -7.09 -12.55
C ALA C 117 -34.27 -8.46 -12.00
N PRO C 118 -34.60 -8.52 -10.71
CA PRO C 118 -35.09 -9.77 -10.09
C PRO C 118 -36.48 -10.14 -10.61
N THR C 119 -36.73 -11.44 -10.75
CA THR C 119 -38.07 -11.96 -10.96
C THR C 119 -38.58 -12.44 -9.59
N VAL C 120 -39.69 -11.86 -9.16
CA VAL C 120 -40.23 -12.06 -7.84
C VAL C 120 -41.50 -12.89 -7.93
N SER C 121 -41.54 -13.99 -7.17
CA SER C 121 -42.69 -14.89 -7.11
C SER C 121 -43.08 -15.11 -5.65
N ILE C 122 -44.38 -15.05 -5.34
CA ILE C 122 -44.87 -15.32 -3.98
C ILE C 122 -45.70 -16.64 -3.97
N PHE C 123 -45.54 -17.39 -2.87
CA PHE C 123 -46.16 -18.72 -2.71
C PHE C 123 -46.87 -18.80 -1.38
N PRO C 124 -48.21 -18.91 -1.42
CA PRO C 124 -48.92 -19.16 -0.16
C PRO C 124 -48.63 -20.56 0.38
N PRO C 125 -49.00 -20.81 1.65
CA PRO C 125 -48.91 -22.15 2.25
C PRO C 125 -49.58 -23.19 1.34
N SER C 126 -48.93 -24.35 1.20
CA SER C 126 -49.51 -25.48 0.49
C SER C 126 -50.64 -26.07 1.35
N SER C 127 -51.63 -26.66 0.68
CA SER C 127 -52.64 -27.50 1.36
C SER C 127 -52.01 -28.53 2.30
N GLU C 128 -50.96 -29.22 1.84
CA GLU C 128 -50.25 -30.18 2.66
C GLU C 128 -49.75 -29.57 3.93
N GLN C 129 -49.08 -28.41 3.85
CA GLN C 129 -48.52 -27.83 5.05
C GLN C 129 -49.62 -27.39 6.04
N LEU C 130 -50.71 -26.86 5.51
CA LEU C 130 -51.80 -26.38 6.35
C LEU C 130 -52.41 -27.55 7.11
N THR C 131 -52.61 -28.66 6.42
CA THR C 131 -53.09 -29.89 7.05
C THR C 131 -52.20 -30.30 8.21
N SER C 132 -50.90 -30.03 8.11
CA SER C 132 -49.95 -30.34 9.18
C SER C 132 -49.79 -29.28 10.26
N GLY C 133 -50.49 -28.15 10.13
CA GLY C 133 -50.48 -27.14 11.19
C GLY C 133 -49.54 -25.96 10.97
N GLY C 134 -48.85 -25.97 9.83
CA GLY C 134 -47.95 -24.87 9.46
C GLY C 134 -48.45 -23.99 8.34
N ALA C 135 -47.74 -22.89 8.12
CA ALA C 135 -48.10 -21.93 7.08
C ALA C 135 -46.95 -21.05 6.66
N SER C 136 -46.04 -21.61 5.85
CA SER C 136 -44.90 -20.85 5.38
C SER C 136 -45.31 -20.12 4.12
N VAL C 137 -44.98 -18.84 4.08
CA VAL C 137 -45.23 -18.00 2.92
C VAL C 137 -43.86 -17.70 2.32
N VAL C 138 -43.64 -18.12 1.08
CA VAL C 138 -42.32 -18.06 0.47
C VAL C 138 -42.30 -17.06 -0.66
N CYS C 139 -41.21 -16.30 -0.72
CA CYS C 139 -40.95 -15.37 -1.80
CA CYS C 139 -40.96 -15.43 -1.86
C CYS C 139 -39.59 -15.69 -2.44
N PHE C 140 -39.55 -15.89 -3.77
CA PHE C 140 -38.30 -16.07 -4.49
C PHE C 140 -37.99 -14.74 -5.16
N LEU C 141 -36.75 -14.29 -5.04
CA LEU C 141 -36.25 -13.12 -5.78
C LEU C 141 -35.09 -13.63 -6.61
N ASN C 142 -35.35 -13.87 -7.89
CA ASN C 142 -34.48 -14.70 -8.72
C ASN C 142 -33.73 -13.94 -9.80
N ASN C 143 -32.47 -14.34 -10.03
CA ASN C 143 -31.68 -13.94 -11.21
C ASN C 143 -31.50 -12.43 -11.35
N PHE C 144 -30.98 -11.83 -10.27
CA PHE C 144 -30.70 -10.40 -10.23
C PHE C 144 -29.20 -10.09 -10.15
N TYR C 145 -28.88 -8.86 -10.54
CA TYR C 145 -27.53 -8.33 -10.45
C TYR C 145 -27.64 -6.80 -10.46
N PRO C 146 -26.95 -6.10 -9.55
CA PRO C 146 -25.98 -6.58 -8.57
C PRO C 146 -26.61 -7.34 -7.43
N LYS C 147 -25.75 -7.84 -6.53
CA LYS C 147 -26.19 -8.73 -5.46
C LYS C 147 -27.00 -8.10 -4.33
N ASP C 148 -26.92 -6.77 -4.20
CA ASP C 148 -27.52 -6.01 -3.10
C ASP C 148 -29.02 -5.89 -3.32
N ILE C 149 -29.79 -6.33 -2.34
CA ILE C 149 -31.25 -6.40 -2.47
C ILE C 149 -31.87 -6.40 -1.07
N ASN C 150 -33.03 -5.75 -0.95
CA ASN C 150 -33.80 -5.69 0.29
C ASN C 150 -35.16 -6.32 0.05
N VAL C 151 -35.61 -7.16 1.00
CA VAL C 151 -36.96 -7.71 0.97
CA VAL C 151 -36.96 -7.74 0.99
C VAL C 151 -37.73 -7.23 2.20
N LYS C 152 -38.95 -6.76 1.99
CA LYS C 152 -39.84 -6.34 3.08
C LYS C 152 -41.15 -7.11 3.00
N TRP C 153 -41.58 -7.65 4.13
CA TRP C 153 -42.85 -8.38 4.23
C TRP C 153 -43.84 -7.48 4.92
N LYS C 154 -45.09 -7.53 4.44
CA LYS C 154 -46.22 -6.88 5.11
C LYS C 154 -47.35 -7.89 5.26
N ILE C 155 -47.97 -7.87 6.44
CA ILE C 155 -49.16 -8.66 6.75
C ILE C 155 -50.28 -7.69 7.08
N ASP C 156 -51.39 -7.82 6.39
CA ASP C 156 -52.52 -6.89 6.53
C ASP C 156 -52.03 -5.45 6.42
N GLY C 157 -51.07 -5.23 5.54
CA GLY C 157 -50.58 -3.88 5.24
C GLY C 157 -49.62 -3.28 6.25
N SER C 158 -49.22 -4.06 7.26
CA SER C 158 -48.21 -3.61 8.23
CA SER C 158 -48.24 -3.66 8.29
C SER C 158 -46.95 -4.46 8.16
N GLU C 159 -45.82 -3.78 8.30
CA GLU C 159 -44.52 -4.41 8.19
C GLU C 159 -44.37 -5.54 9.20
N ARG C 160 -43.81 -6.65 8.73
CA ARG C 160 -43.62 -7.82 9.55
C ARG C 160 -42.19 -8.29 9.40
N GLN C 161 -41.47 -8.40 10.52
CA GLN C 161 -40.09 -8.91 10.50
C GLN C 161 -39.90 -10.22 11.26
N ASN C 162 -40.62 -10.43 12.35
CA ASN C 162 -40.48 -11.67 13.13
C ASN C 162 -40.88 -12.88 12.31
N GLY C 163 -40.06 -13.93 12.37
CA GLY C 163 -40.31 -15.16 11.64
C GLY C 163 -39.88 -15.15 10.19
N VAL C 164 -39.09 -14.15 9.79
CA VAL C 164 -38.59 -14.09 8.42
C VAL C 164 -37.23 -14.77 8.41
N LEU C 165 -37.08 -15.65 7.43
CA LEU C 165 -35.96 -16.54 7.28
C LEU C 165 -35.48 -16.36 5.85
N ASN C 166 -34.23 -15.95 5.66
CA ASN C 166 -33.66 -15.69 4.32
C ASN C 166 -32.51 -16.60 3.97
N SER C 167 -32.33 -16.83 2.67
CA SER C 167 -31.22 -17.60 2.14
C SER C 167 -30.83 -17.05 0.79
N TRP C 168 -29.51 -16.95 0.56
CA TRP C 168 -28.98 -16.33 -0.64
C TRP C 168 -28.06 -17.31 -1.35
N THR C 169 -28.18 -17.40 -2.68
CA THR C 169 -27.27 -18.21 -3.45
C THR C 169 -25.96 -17.44 -3.66
N ASP C 170 -24.90 -18.17 -3.99
CA ASP C 170 -23.69 -17.57 -4.48
C ASP C 170 -23.88 -17.16 -5.95
N GLN C 171 -22.91 -16.44 -6.49
CA GLN C 171 -23.01 -16.00 -7.86
C GLN C 171 -23.08 -17.21 -8.79
N ASP C 172 -24.05 -17.17 -9.70
CA ASP C 172 -24.36 -18.33 -10.54
C ASP C 172 -23.26 -18.59 -11.58
N SER C 173 -22.92 -19.87 -11.74
CA SER C 173 -21.88 -20.31 -12.68
C SER C 173 -22.25 -20.07 -14.14
N LYS C 174 -23.56 -20.12 -14.44
CA LYS C 174 -24.03 -20.02 -15.83
C LYS C 174 -24.31 -18.59 -16.27
N ASP C 175 -24.96 -17.78 -15.43
CA ASP C 175 -25.31 -16.41 -15.86
C ASP C 175 -24.83 -15.28 -14.96
N SER C 176 -24.04 -15.62 -13.93
CA SER C 176 -23.39 -14.66 -13.02
C SER C 176 -24.37 -13.80 -12.20
N THR C 177 -25.62 -14.24 -12.10
CA THR C 177 -26.62 -13.57 -11.29
C THR C 177 -26.66 -14.18 -9.88
N TYR C 178 -27.45 -13.52 -9.03
CA TYR C 178 -27.73 -13.94 -7.67
C TYR C 178 -29.22 -14.21 -7.54
N SER C 179 -29.57 -15.07 -6.57
CA SER C 179 -30.96 -15.28 -6.20
C SER C 179 -31.12 -15.33 -4.66
N MET C 180 -32.34 -15.07 -4.20
CA MET C 180 -32.66 -15.06 -2.78
C MET C 180 -34.02 -15.70 -2.52
N SER C 181 -34.13 -16.44 -1.41
CA SER C 181 -35.41 -16.96 -0.92
CA SER C 181 -35.44 -16.93 -0.92
C SER C 181 -35.72 -16.29 0.41
N SER C 182 -36.97 -15.84 0.59
CA SER C 182 -37.35 -15.27 1.88
C SER C 182 -38.63 -15.94 2.31
N THR C 183 -38.67 -16.36 3.57
CA THR C 183 -39.80 -17.12 4.08
C THR C 183 -40.32 -16.56 5.39
N LEU C 184 -41.61 -16.23 5.39
CA LEU C 184 -42.34 -15.87 6.59
C LEU C 184 -42.83 -17.21 7.14
N THR C 185 -42.25 -17.66 8.26
CA THR C 185 -42.64 -18.92 8.87
C THR C 185 -43.65 -18.63 9.95
N LEU C 186 -44.92 -18.89 9.63
CA LEU C 186 -46.03 -18.70 10.56
C LEU C 186 -46.59 -20.06 10.96
N THR C 187 -47.32 -20.09 12.05
CA THR C 187 -48.17 -21.23 12.36
C THR C 187 -49.45 -21.09 11.53
N LYS C 188 -50.15 -22.19 11.32
CA LYS C 188 -51.45 -22.13 10.70
C LYS C 188 -52.34 -21.20 11.54
N ASP C 189 -52.22 -21.28 12.86
CA ASP C 189 -53.00 -20.41 13.76
C ASP C 189 -52.84 -18.93 13.39
N GLU C 190 -51.59 -18.47 13.29
CA GLU C 190 -51.33 -17.07 12.97
C GLU C 190 -51.75 -16.70 11.56
N TYR C 191 -51.53 -17.60 10.60
CA TYR C 191 -51.91 -17.41 9.19
C TYR C 191 -53.42 -17.16 9.10
N GLU C 192 -54.17 -17.91 9.91
CA GLU C 192 -55.64 -17.81 9.97
C GLU C 192 -56.17 -16.60 10.76
N ARG C 193 -55.28 -15.72 11.23
CA ARG C 193 -55.64 -14.43 11.84
C ARG C 193 -55.37 -13.23 10.91
N HIS C 194 -54.82 -13.49 9.71
CA HIS C 194 -54.47 -12.42 8.78
C HIS C 194 -54.88 -12.74 7.34
N ASN C 195 -55.07 -11.69 6.54
CA ASN C 195 -55.61 -11.81 5.19
C ASN C 195 -54.66 -11.50 4.06
N SER C 196 -53.98 -10.34 4.08
CA SER C 196 -53.11 -9.96 2.95
C SER C 196 -51.66 -10.24 3.34
N TYR C 197 -50.94 -10.83 2.39
CA TYR C 197 -49.53 -11.17 2.57
C TYR C 197 -48.76 -10.56 1.38
N THR C 198 -47.73 -9.78 1.68
CA THR C 198 -47.00 -9.05 0.68
C THR C 198 -45.48 -9.17 0.87
N CYS C 199 -44.78 -9.46 -0.22
CA CYS C 199 -43.33 -9.46 -0.31
CA CYS C 199 -43.33 -9.36 -0.22
C CYS C 199 -42.92 -8.33 -1.24
N GLU C 200 -42.05 -7.43 -0.78
CA GLU C 200 -41.60 -6.27 -1.58
C GLU C 200 -40.09 -6.32 -1.76
N ALA C 201 -39.64 -6.23 -3.01
CA ALA C 201 -38.21 -6.30 -3.36
C ALA C 201 -37.73 -4.93 -3.81
N THR C 202 -36.72 -4.40 -3.14
CA THR C 202 -36.07 -3.16 -3.58
C THR C 202 -34.70 -3.52 -4.14
N HIS C 203 -34.44 -3.03 -5.36
CA HIS C 203 -33.20 -3.31 -6.09
C HIS C 203 -32.85 -2.10 -6.95
N LYS C 204 -31.56 -1.93 -7.23
CA LYS C 204 -31.14 -0.74 -7.99
C LYS C 204 -31.71 -0.68 -9.42
N THR C 205 -32.23 -1.80 -9.93
CA THR C 205 -32.78 -1.86 -11.29
C THR C 205 -34.16 -1.21 -11.45
N SER C 206 -34.73 -0.73 -10.35
CA SER C 206 -35.92 0.14 -10.39
C SER C 206 -36.00 1.10 -9.21
N THR C 207 -36.64 2.25 -9.43
CA THR C 207 -36.82 3.24 -8.36
C THR C 207 -38.03 3.00 -7.46
N SER C 208 -38.90 2.05 -7.84
CA SER C 208 -40.01 1.61 -7.00
C SER C 208 -39.87 0.12 -6.68
N PRO C 209 -40.34 -0.32 -5.49
CA PRO C 209 -40.17 -1.73 -5.17
C PRO C 209 -41.08 -2.61 -6.04
N ILE C 210 -40.66 -3.86 -6.25
CA ILE C 210 -41.47 -4.86 -6.92
C ILE C 210 -42.32 -5.51 -5.84
N VAL C 211 -43.63 -5.39 -5.98
CA VAL C 211 -44.58 -5.89 -4.98
C VAL C 211 -45.32 -7.12 -5.50
N LYS C 212 -45.32 -8.18 -4.70
CA LYS C 212 -46.12 -9.37 -4.99
C LYS C 212 -46.97 -9.65 -3.75
N SER C 213 -48.27 -9.90 -3.94
CA SER C 213 -49.23 -10.01 -2.83
CA SER C 213 -49.19 -10.05 -2.82
C SER C 213 -50.26 -11.09 -3.14
N PHE C 214 -50.84 -11.67 -2.09
CA PHE C 214 -52.08 -12.45 -2.23
C PHE C 214 -52.94 -12.24 -0.98
N ASN C 215 -54.22 -12.59 -1.13
CA ASN C 215 -55.15 -12.64 -0.02
C ASN C 215 -55.51 -14.08 0.33
N ARG C 216 -55.41 -14.41 1.62
CA ARG C 216 -55.64 -15.76 2.15
C ARG C 216 -56.93 -16.41 1.58
N ASN C 217 -58.00 -15.63 1.57
CA ASN C 217 -59.32 -16.14 1.25
C ASN C 217 -59.56 -16.32 -0.25
N GLU C 218 -58.60 -15.89 -1.07
CA GLU C 218 -58.66 -16.06 -2.52
C GLU C 218 -57.90 -17.30 -3.02
N CYS C 219 -57.30 -18.04 -2.09
CA CYS C 219 -56.55 -19.25 -2.41
C CYS C 219 -57.47 -20.42 -2.61
N GLN D 1 5.31 -36.18 -0.10
CA GLN D 1 4.29 -35.10 -0.20
C GLN D 1 3.79 -34.84 1.21
N VAL D 2 3.61 -33.57 1.55
CA VAL D 2 3.04 -33.21 2.85
C VAL D 2 1.50 -33.38 2.77
N THR D 3 0.95 -34.13 3.73
CA THR D 3 -0.50 -34.34 3.87
C THR D 3 -0.91 -34.10 5.32
N LEU D 4 -2.09 -33.54 5.52
CA LEU D 4 -2.69 -33.34 6.84
C LEU D 4 -4.15 -33.76 6.74
N LYS D 5 -4.62 -34.55 7.69
CA LYS D 5 -5.99 -35.03 7.66
C LYS D 5 -6.64 -35.02 9.03
N GLU D 6 -7.80 -34.37 9.10
CA GLU D 6 -8.51 -34.14 10.35
C GLU D 6 -9.57 -35.20 10.52
N SER D 7 -9.82 -35.61 11.76
CA SER D 7 -10.92 -36.48 12.05
C SER D 7 -11.60 -36.11 13.35
N GLY D 8 -12.90 -36.23 13.34
CA GLY D 8 -13.72 -35.75 14.42
C GLY D 8 -14.95 -36.62 14.53
N PRO D 9 -15.86 -36.25 15.44
CA PRO D 9 -17.02 -37.08 15.76
C PRO D 9 -18.25 -36.89 14.84
N GLY D 10 -18.17 -35.90 13.96
CA GLY D 10 -19.27 -35.52 13.07
C GLY D 10 -20.29 -34.62 13.79
N ILE D 11 -21.01 -35.21 14.75
CA ILE D 11 -22.00 -34.47 15.52
C ILE D 11 -21.76 -34.73 17.00
N LEU D 12 -21.87 -33.67 17.79
CA LEU D 12 -21.94 -33.80 19.23
C LEU D 12 -22.90 -32.78 19.79
N LYS D 13 -23.21 -32.91 21.08
CA LYS D 13 -24.25 -32.09 21.71
C LYS D 13 -23.63 -30.98 22.54
N PRO D 14 -24.35 -29.86 22.71
CA PRO D 14 -23.82 -28.84 23.62
C PRO D 14 -23.46 -29.42 24.99
N SER D 15 -22.41 -28.84 25.58
CA SER D 15 -21.84 -29.21 26.89
CA SER D 15 -21.83 -29.20 26.89
C SER D 15 -20.83 -30.36 26.82
N GLN D 16 -20.83 -31.10 25.72
CA GLN D 16 -19.90 -32.22 25.55
C GLN D 16 -18.49 -31.74 25.16
N THR D 17 -17.56 -32.69 25.15
CA THR D 17 -16.17 -32.41 24.78
C THR D 17 -15.88 -32.87 23.35
N LEU D 18 -15.37 -31.95 22.53
CA LEU D 18 -14.94 -32.24 21.17
C LEU D 18 -13.50 -32.71 21.18
N SER D 19 -13.26 -33.88 20.63
CA SER D 19 -11.91 -34.42 20.41
C SER D 19 -11.61 -34.55 18.91
N LEU D 20 -10.63 -33.78 18.46
CA LEU D 20 -10.16 -33.79 17.08
C LEU D 20 -8.76 -34.42 17.01
N THR D 21 -8.54 -35.18 15.94
CA THR D 21 -7.20 -35.68 15.62
C THR D 21 -6.74 -35.19 14.24
N CYS D 22 -5.48 -34.80 14.14
CA CYS D 22 -4.86 -34.49 12.86
C CYS D 22 -3.77 -35.52 12.63
N SER D 23 -3.84 -36.21 11.50
CA SER D 23 -2.85 -37.18 11.13
C SER D 23 -2.07 -36.60 9.93
N PHE D 24 -0.75 -36.65 9.98
CA PHE D 24 0.01 -36.03 8.92
C PHE D 24 1.14 -36.96 8.45
N SER D 25 1.63 -36.62 7.27
CA SER D 25 2.74 -37.36 6.66
CA SER D 25 2.69 -37.39 6.60
C SER D 25 3.58 -36.44 5.80
N GLY D 26 4.81 -36.89 5.47
CA GLY D 26 5.69 -36.11 4.63
C GLY D 26 6.57 -35.15 5.42
N PHE D 27 6.46 -35.18 6.74
CA PHE D 27 7.32 -34.41 7.63
C PHE D 27 7.18 -34.97 9.04
N SER D 28 8.06 -34.51 9.93
CA SER D 28 8.08 -34.96 11.33
C SER D 28 7.92 -33.76 12.23
N LEU D 29 7.06 -33.89 13.23
CA LEU D 29 6.90 -32.84 14.26
C LEU D 29 8.03 -32.86 15.30
N SER D 30 8.95 -33.83 15.22
CA SER D 30 10.18 -33.85 16.02
C SER D 30 11.23 -32.91 15.44
N THR D 31 11.09 -32.58 14.15
CA THR D 31 12.03 -31.72 13.49
C THR D 31 12.09 -30.33 14.14
N SER D 32 13.28 -29.95 14.59
CA SER D 32 13.50 -28.60 15.15
C SER D 32 12.97 -27.48 14.26
N GLY D 33 12.07 -26.66 14.82
CA GLY D 33 11.40 -25.58 14.09
C GLY D 33 9.97 -25.90 13.67
N MET D 34 9.58 -27.17 13.72
CA MET D 34 8.29 -27.59 13.14
C MET D 34 7.16 -27.34 14.12
N GLY D 35 5.99 -27.00 13.56
CA GLY D 35 4.78 -26.90 14.36
C GLY D 35 3.54 -27.25 13.56
N VAL D 36 2.47 -27.63 14.29
CA VAL D 36 1.20 -27.99 13.66
C VAL D 36 0.10 -27.41 14.53
N GLY D 37 -1.01 -27.00 13.90
CA GLY D 37 -2.06 -26.34 14.65
C GLY D 37 -3.41 -26.46 13.98
N TRP D 38 -4.32 -25.63 14.47
CA TRP D 38 -5.74 -25.71 14.13
C TRP D 38 -6.34 -24.32 13.88
N ILE D 39 -7.15 -24.26 12.83
CA ILE D 39 -7.93 -23.08 12.45
C ILE D 39 -9.34 -23.58 12.13
N ARG D 40 -10.38 -22.80 12.44
CA ARG D 40 -11.75 -23.21 12.10
C ARG D 40 -12.51 -22.13 11.34
N GLN D 41 -13.62 -22.55 10.74
CA GLN D 41 -14.42 -21.72 9.87
C GLN D 41 -15.87 -22.19 9.90
N PRO D 42 -16.74 -21.43 10.56
CA PRO D 42 -18.17 -21.68 10.39
C PRO D 42 -18.59 -21.49 8.94
N SER D 43 -19.54 -22.28 8.47
CA SER D 43 -20.02 -22.15 7.09
C SER D 43 -20.42 -20.71 6.77
N GLY D 44 -19.92 -20.20 5.66
CA GLY D 44 -20.23 -18.83 5.26
C GLY D 44 -19.52 -17.71 6.02
N LYS D 45 -18.64 -18.05 6.96
CA LYS D 45 -18.05 -17.04 7.83
C LYS D 45 -16.53 -17.12 7.68
N GLY D 46 -15.82 -16.33 8.48
CA GLY D 46 -14.39 -16.20 8.35
C GLY D 46 -13.64 -17.27 9.11
N LEU D 47 -12.33 -17.08 9.16
CA LEU D 47 -11.39 -18.02 9.72
C LEU D 47 -10.97 -17.57 11.11
N GLU D 48 -10.94 -18.52 12.05
CA GLU D 48 -10.57 -18.28 13.43
C GLU D 48 -9.43 -19.23 13.84
N TRP D 49 -8.32 -18.64 14.26
CA TRP D 49 -7.15 -19.41 14.65
C TRP D 49 -7.38 -19.88 16.07
N LEU D 50 -7.04 -21.14 16.33
CA LEU D 50 -7.31 -21.79 17.62
C LEU D 50 -6.07 -22.04 18.46
N ALA D 51 -5.09 -22.77 17.92
CA ALA D 51 -3.96 -23.22 18.72
C ALA D 51 -2.86 -23.74 17.82
N HIS D 52 -1.64 -23.76 18.35
CA HIS D 52 -0.49 -24.32 17.62
C HIS D 52 0.40 -25.00 18.65
N ILE D 53 1.03 -26.09 18.25
CA ILE D 53 1.95 -26.81 19.15
C ILE D 53 3.24 -27.02 18.40
N TRP D 54 4.34 -26.78 19.12
CA TRP D 54 5.69 -26.84 18.57
C TRP D 54 6.41 -28.17 18.90
N TRP D 55 7.42 -28.45 18.08
CA TRP D 55 8.33 -29.61 18.21
C TRP D 55 8.87 -29.82 19.63
N ASP D 56 9.10 -28.73 20.37
CA ASP D 56 9.67 -28.81 21.73
C ASP D 56 8.62 -28.62 22.85
N ASP D 57 7.35 -28.88 22.52
CA ASP D 57 6.21 -28.90 23.47
C ASP D 57 5.61 -27.54 23.84
N ASP D 58 6.25 -26.46 23.42
CA ASP D 58 5.65 -25.15 23.57
C ASP D 58 4.34 -25.13 22.78
N ARG D 59 3.36 -24.43 23.32
CA ARG D 59 1.99 -24.39 22.78
C ARG D 59 1.48 -22.97 22.87
N SER D 60 0.73 -22.55 21.85
CA SER D 60 0.11 -21.23 21.79
CA SER D 60 0.13 -21.24 21.77
C SER D 60 -1.38 -21.40 21.59
N TYR D 61 -2.16 -20.63 22.37
CA TYR D 61 -3.63 -20.64 22.31
C TYR D 61 -4.23 -19.26 21.97
N ASN D 62 -5.33 -19.28 21.24
CA ASN D 62 -6.22 -18.11 21.14
C ASN D 62 -6.75 -17.76 22.54
N PRO D 63 -6.33 -16.61 23.10
CA PRO D 63 -6.58 -16.36 24.53
C PRO D 63 -8.04 -16.36 24.96
N SER D 64 -8.94 -15.90 24.08
CA SER D 64 -10.38 -15.89 24.37
CA SER D 64 -10.37 -15.89 24.41
C SER D 64 -11.00 -17.30 24.43
N LEU D 65 -10.27 -18.32 24.00
CA LEU D 65 -10.75 -19.71 24.06
C LEU D 65 -9.90 -20.59 24.96
N LYS D 66 -8.85 -20.01 25.54
CA LYS D 66 -7.92 -20.71 26.42
C LYS D 66 -8.58 -21.70 27.38
N SER D 67 -9.68 -21.29 28.02
CA SER D 67 -10.31 -22.11 29.06
C SER D 67 -10.98 -23.38 28.51
N GLN D 68 -11.19 -23.43 27.21
CA GLN D 68 -11.83 -24.56 26.55
C GLN D 68 -10.87 -25.45 25.76
N LEU D 69 -9.68 -24.94 25.43
CA LEU D 69 -8.81 -25.62 24.48
C LEU D 69 -7.63 -26.34 25.13
N THR D 70 -7.32 -27.51 24.63
CA THR D 70 -6.05 -28.20 24.93
C THR D 70 -5.52 -28.76 23.60
N ILE D 71 -4.31 -28.36 23.24
CA ILE D 71 -3.64 -28.94 22.08
C ILE D 71 -2.53 -29.85 22.59
N SER D 72 -2.36 -30.99 21.93
CA SER D 72 -1.38 -31.99 22.32
C SER D 72 -0.90 -32.72 21.09
N LYS D 73 0.09 -33.57 21.28
CA LYS D 73 0.67 -34.29 20.15
C LYS D 73 1.19 -35.68 20.52
N ASP D 74 1.36 -36.50 19.49
CA ASP D 74 2.11 -37.75 19.58
C ASP D 74 3.03 -37.77 18.36
N ALA D 75 4.17 -37.12 18.49
CA ALA D 75 5.10 -36.97 17.36
C ALA D 75 5.50 -38.33 16.80
N ALA D 76 5.66 -39.32 17.68
CA ALA D 76 6.05 -40.68 17.27
C ALA D 76 5.05 -41.29 16.28
N ARG D 77 3.77 -40.94 16.44
CA ARG D 77 2.67 -41.45 15.61
C ARG D 77 2.18 -40.45 14.53
N ASN D 78 2.88 -39.32 14.40
CA ASN D 78 2.53 -38.26 13.43
C ASN D 78 1.08 -37.81 13.62
N GLN D 79 0.73 -37.53 14.87
CA GLN D 79 -0.59 -37.02 15.23
C GLN D 79 -0.52 -35.80 16.13
N VAL D 80 -1.49 -34.91 15.95
CA VAL D 80 -1.72 -33.79 16.83
C VAL D 80 -3.21 -33.79 17.15
N PHE D 81 -3.55 -33.33 18.35
CA PHE D 81 -4.92 -33.41 18.88
C PHE D 81 -5.38 -32.05 19.39
N LEU D 82 -6.69 -31.82 19.30
CA LEU D 82 -7.30 -30.65 19.91
C LEU D 82 -8.50 -31.16 20.69
N ARG D 83 -8.59 -30.73 21.93
CA ARG D 83 -9.77 -30.97 22.74
C ARG D 83 -10.45 -29.64 23.02
N ILE D 84 -11.76 -29.56 22.85
CA ILE D 84 -12.50 -28.36 23.19
C ILE D 84 -13.62 -28.77 24.16
N THR D 85 -13.49 -28.35 25.42
CA THR D 85 -14.51 -28.72 26.42
C THR D 85 -15.70 -27.75 26.33
N SER D 86 -16.87 -28.21 26.79
CA SER D 86 -18.10 -27.40 26.90
C SER D 86 -18.48 -26.71 25.60
N VAL D 87 -18.57 -27.48 24.54
CA VAL D 87 -18.92 -26.93 23.25
C VAL D 87 -20.36 -26.42 23.25
N ASP D 88 -20.67 -25.60 22.27
CA ASP D 88 -22.03 -25.13 22.06
C ASP D 88 -22.16 -24.91 20.58
N THR D 89 -23.31 -24.37 20.18
CA THR D 89 -23.68 -24.32 18.77
C THR D 89 -22.65 -23.52 17.96
N ALA D 90 -22.07 -22.48 18.56
CA ALA D 90 -21.06 -21.62 17.91
C ALA D 90 -19.75 -22.36 17.52
N ASP D 91 -19.53 -23.54 18.09
CA ASP D 91 -18.36 -24.37 17.75
C ASP D 91 -18.60 -25.22 16.50
N THR D 92 -19.83 -25.16 15.98
CA THR D 92 -20.12 -25.73 14.67
C THR D 92 -19.25 -25.03 13.60
N ALA D 93 -18.44 -25.82 12.92
CA ALA D 93 -17.48 -25.29 11.98
C ALA D 93 -16.75 -26.40 11.24
N THR D 94 -16.12 -26.04 10.13
CA THR D 94 -15.05 -26.85 9.54
C THR D 94 -13.75 -26.59 10.30
N TYR D 95 -13.10 -27.66 10.74
CA TYR D 95 -11.84 -27.58 11.46
C TYR D 95 -10.71 -28.04 10.56
N TYR D 96 -9.73 -27.15 10.38
CA TYR D 96 -8.53 -27.44 9.59
C TYR D 96 -7.30 -27.66 10.47
N CYS D 97 -6.51 -28.68 10.14
CA CYS D 97 -5.15 -28.91 10.61
C CYS D 97 -4.19 -28.19 9.65
N VAL D 98 -3.20 -27.49 10.18
CA VAL D 98 -2.27 -26.70 9.38
C VAL D 98 -0.85 -26.89 9.91
N ARG D 99 0.12 -26.95 9.01
CA ARG D 99 1.54 -26.87 9.39
C ARG D 99 2.03 -25.42 9.38
N ARG D 100 2.87 -25.05 10.33
CA ARG D 100 3.58 -23.77 10.30
C ARG D 100 4.84 -23.95 11.12
N ALA D 101 5.98 -23.66 10.48
CA ALA D 101 7.27 -23.66 11.17
C ALA D 101 7.59 -22.26 11.70
N HIS D 102 8.50 -22.19 12.68
CA HIS D 102 8.98 -20.90 13.20
C HIS D 102 10.37 -20.52 12.68
N THR D 103 10.82 -21.23 11.64
CA THR D 103 12.07 -20.95 10.97
C THR D 103 11.84 -20.71 9.49
N THR D 104 12.67 -19.87 8.88
CA THR D 104 12.47 -19.48 7.48
C THR D 104 12.51 -20.69 6.53
N VAL D 105 13.48 -21.60 6.75
CA VAL D 105 13.70 -22.74 5.88
C VAL D 105 12.55 -23.74 5.87
N LEU D 106 11.94 -23.98 7.05
CA LEU D 106 10.87 -24.97 7.15
C LEU D 106 9.52 -24.42 6.74
N GLY D 107 9.42 -23.11 6.57
CA GLY D 107 8.22 -22.48 5.99
C GLY D 107 7.33 -21.89 7.08
N ASP D 108 7.56 -20.60 7.33
CA ASP D 108 6.89 -19.84 8.39
C ASP D 108 5.69 -19.13 7.76
N TRP D 109 4.66 -19.93 7.52
CA TRP D 109 3.46 -19.51 6.81
C TRP D 109 2.51 -20.71 6.86
N PHE D 110 1.23 -20.50 6.51
CA PHE D 110 0.29 -21.62 6.40
C PHE D 110 0.20 -22.04 4.91
N ALA D 111 1.23 -22.74 4.45
CA ALA D 111 1.18 -23.27 3.08
C ALA D 111 0.33 -24.56 3.05
N TYR D 112 0.52 -25.42 4.05
CA TYR D 112 -0.09 -26.75 4.09
C TYR D 112 -1.26 -26.81 5.05
N TRP D 113 -2.44 -27.05 4.48
CA TRP D 113 -3.72 -27.17 5.15
C TRP D 113 -4.32 -28.54 4.83
N GLY D 114 -4.97 -29.14 5.81
CA GLY D 114 -5.86 -30.29 5.53
C GLY D 114 -7.08 -29.80 4.76
N GLN D 115 -7.88 -30.71 4.24
CA GLN D 115 -9.13 -30.37 3.56
C GLN D 115 -10.22 -29.97 4.57
N GLY D 116 -9.94 -30.22 5.86
CA GLY D 116 -10.83 -29.85 6.92
C GLY D 116 -11.82 -30.96 7.21
N THR D 117 -12.43 -30.91 8.38
CA THR D 117 -13.52 -31.82 8.67
C THR D 117 -14.61 -31.07 9.40
N LEU D 118 -15.86 -31.41 9.06
CA LEU D 118 -16.98 -30.66 9.61
C LEU D 118 -17.37 -31.23 10.97
N VAL D 119 -17.57 -30.34 11.95
CA VAL D 119 -18.14 -30.71 13.25
C VAL D 119 -19.42 -29.90 13.45
N THR D 120 -20.51 -30.60 13.75
CA THR D 120 -21.77 -29.96 14.08
C THR D 120 -22.10 -30.15 15.55
N VAL D 121 -22.38 -29.06 16.25
CA VAL D 121 -22.77 -29.10 17.65
C VAL D 121 -24.26 -28.75 17.72
N SER D 122 -25.06 -29.73 18.08
CA SER D 122 -26.51 -29.58 18.14
C SER D 122 -27.16 -30.56 19.11
N ALA D 123 -28.25 -30.09 19.71
CA ALA D 123 -29.05 -30.87 20.65
C ALA D 123 -30.17 -31.59 19.90
N ALA D 124 -30.28 -31.36 18.58
CA ALA D 124 -31.39 -31.88 17.80
C ALA D 124 -31.33 -33.38 17.63
N LYS D 125 -32.50 -34.01 17.50
CA LYS D 125 -32.59 -35.42 17.13
C LYS D 125 -32.76 -35.54 15.62
N THR D 126 -32.39 -36.68 15.09
CA THR D 126 -32.67 -36.97 13.68
C THR D 126 -34.16 -36.75 13.44
N THR D 127 -34.46 -35.92 12.44
CA THR D 127 -35.80 -35.49 12.13
C THR D 127 -35.99 -35.46 10.63
N ALA D 128 -37.00 -36.18 10.16
CA ALA D 128 -37.33 -36.19 8.71
C ALA D 128 -37.94 -34.83 8.29
N PRO D 129 -37.60 -34.35 7.06
CA PRO D 129 -38.26 -33.14 6.59
C PRO D 129 -39.69 -33.40 6.19
N SER D 130 -40.47 -32.32 6.15
CA SER D 130 -41.73 -32.27 5.45
C SER D 130 -41.41 -31.61 4.09
N VAL D 131 -41.96 -32.15 3.01
CA VAL D 131 -41.69 -31.64 1.68
C VAL D 131 -42.99 -31.09 1.08
N TYR D 132 -43.00 -29.80 0.73
CA TYR D 132 -44.21 -29.11 0.30
C TYR D 132 -44.03 -28.53 -1.09
N PRO D 133 -45.10 -28.59 -1.92
CA PRO D 133 -45.04 -28.05 -3.25
C PRO D 133 -45.32 -26.55 -3.19
N LEU D 134 -44.62 -25.78 -4.01
CA LEU D 134 -44.83 -24.33 -4.09
C LEU D 134 -45.37 -24.07 -5.49
N ALA D 135 -46.71 -23.99 -5.58
CA ALA D 135 -47.39 -23.74 -6.85
C ALA D 135 -47.68 -22.25 -7.03
N PRO D 136 -47.56 -21.77 -8.29
CA PRO D 136 -47.70 -20.35 -8.57
C PRO D 136 -49.06 -19.89 -8.16
N VAL D 137 -49.12 -18.68 -7.64
CA VAL D 137 -50.37 -18.14 -7.14
C VAL D 137 -50.88 -17.17 -8.18
N CYS D 138 -51.73 -17.68 -9.09
CA CYS D 138 -52.47 -16.86 -10.05
C CYS D 138 -53.63 -17.65 -10.68
N GLY D 143 -44.72 -13.20 -19.13
CA GLY D 143 -45.74 -14.23 -18.87
C GLY D 143 -45.58 -15.49 -19.70
N SER D 144 -44.48 -15.60 -20.44
CA SER D 144 -44.18 -16.78 -21.23
C SER D 144 -43.42 -17.85 -20.41
N SER D 145 -43.21 -17.59 -19.12
CA SER D 145 -42.56 -18.53 -18.22
C SER D 145 -43.22 -18.55 -16.83
N VAL D 146 -42.97 -19.61 -16.08
CA VAL D 146 -43.58 -19.78 -14.77
C VAL D 146 -42.55 -20.35 -13.81
N THR D 147 -42.62 -19.90 -12.57
CA THR D 147 -41.70 -20.34 -11.52
C THR D 147 -42.43 -21.17 -10.43
N LEU D 148 -41.93 -22.40 -10.25
CA LEU D 148 -42.41 -23.34 -9.24
C LEU D 148 -41.35 -23.53 -8.15
N GLY D 149 -41.75 -24.08 -7.01
CA GLY D 149 -40.82 -24.36 -5.96
C GLY D 149 -41.11 -25.60 -5.15
N CYS D 150 -40.19 -25.88 -4.26
CA CYS D 150 -40.25 -27.03 -3.40
C CYS D 150 -39.64 -26.57 -2.10
N LEU D 151 -40.36 -26.81 -1.02
CA LEU D 151 -39.97 -26.40 0.32
C LEU D 151 -39.67 -27.64 1.15
N VAL D 152 -38.46 -27.73 1.70
CA VAL D 152 -38.01 -28.89 2.46
C VAL D 152 -37.77 -28.37 3.87
N LYS D 153 -38.68 -28.70 4.78
CA LYS D 153 -38.73 -28.01 6.06
C LYS D 153 -38.50 -28.92 7.25
N GLY D 154 -37.63 -28.48 8.15
CA GLY D 154 -37.54 -29.07 9.49
C GLY D 154 -36.84 -30.41 9.56
N TYR D 155 -35.62 -30.47 9.03
CA TYR D 155 -34.85 -31.72 9.04
C TYR D 155 -33.55 -31.62 9.80
N PHE D 156 -33.08 -32.75 10.27
CA PHE D 156 -31.77 -32.83 10.93
C PHE D 156 -31.32 -34.27 10.87
N PRO D 157 -30.01 -34.51 10.62
CA PRO D 157 -28.96 -33.58 10.23
C PRO D 157 -29.02 -33.25 8.74
N GLU D 158 -28.08 -32.42 8.30
CA GLU D 158 -27.87 -32.28 6.86
C GLU D 158 -27.20 -33.58 6.35
N PRO D 159 -27.26 -33.84 5.05
CA PRO D 159 -27.91 -33.08 4.01
C PRO D 159 -29.23 -33.69 3.56
N VAL D 160 -29.87 -32.98 2.65
CA VAL D 160 -30.83 -33.54 1.74
C VAL D 160 -30.27 -33.45 0.30
N THR D 161 -30.83 -34.27 -0.58
CA THR D 161 -30.66 -34.12 -2.01
C THR D 161 -31.99 -33.71 -2.61
N LEU D 162 -31.93 -32.92 -3.67
CA LEU D 162 -33.11 -32.42 -4.31
C LEU D 162 -32.83 -32.27 -5.80
N THR D 163 -33.68 -32.92 -6.58
CA THR D 163 -33.69 -32.79 -8.04
C THR D 163 -35.12 -32.50 -8.51
N TRP D 164 -35.24 -32.21 -9.79
CA TRP D 164 -36.53 -31.97 -10.44
C TRP D 164 -36.64 -32.96 -11.59
N ASN D 165 -37.76 -33.67 -11.66
CA ASN D 165 -37.97 -34.74 -12.64
C ASN D 165 -36.79 -35.70 -12.73
N SER D 166 -36.33 -36.12 -11.55
CA SER D 166 -35.23 -37.06 -11.43
C SER D 166 -33.93 -36.59 -12.11
N GLY D 167 -33.74 -35.27 -12.20
CA GLY D 167 -32.57 -34.66 -12.81
C GLY D 167 -32.74 -34.34 -14.29
N SER D 168 -33.79 -34.86 -14.90
CA SER D 168 -34.02 -34.59 -16.34
CA SER D 168 -34.07 -34.60 -16.33
C SER D 168 -34.51 -33.15 -16.56
N LEU D 169 -34.80 -32.44 -15.46
CA LEU D 169 -35.04 -31.01 -15.50
CA LEU D 169 -35.04 -31.01 -15.50
C LEU D 169 -33.94 -30.32 -14.68
N SER D 170 -32.93 -29.79 -15.37
CA SER D 170 -31.77 -29.20 -14.69
C SER D 170 -31.55 -27.72 -14.95
N SER D 171 -31.93 -27.25 -16.15
CA SER D 171 -31.79 -25.84 -16.51
CA SER D 171 -31.77 -25.85 -16.49
C SER D 171 -32.89 -25.06 -15.82
N GLY D 172 -32.60 -23.81 -15.45
CA GLY D 172 -33.59 -22.95 -14.82
C GLY D 172 -33.83 -23.29 -13.35
N VAL D 173 -32.93 -24.07 -12.75
CA VAL D 173 -33.08 -24.52 -11.35
C VAL D 173 -32.05 -23.86 -10.45
N HIS D 174 -32.46 -23.46 -9.27
CA HIS D 174 -31.46 -23.23 -8.24
C HIS D 174 -32.02 -23.54 -6.87
N THR D 175 -31.10 -23.97 -6.02
CA THR D 175 -31.45 -24.56 -4.77
C THR D 175 -30.75 -23.71 -3.74
N PHE D 176 -31.52 -23.19 -2.80
CA PHE D 176 -31.07 -22.20 -1.85
C PHE D 176 -30.43 -22.93 -0.69
N PRO D 177 -29.28 -22.42 -0.23
CA PRO D 177 -28.57 -23.06 0.87
C PRO D 177 -29.47 -23.29 2.08
N ALA D 178 -29.30 -24.40 2.79
CA ALA D 178 -30.11 -24.64 3.99
C ALA D 178 -29.79 -23.61 5.06
N VAL D 179 -30.79 -23.31 5.88
CA VAL D 179 -30.65 -22.37 6.97
C VAL D 179 -31.34 -22.97 8.20
N LEU D 180 -30.89 -22.58 9.39
CA LEU D 180 -31.42 -23.16 10.62
C LEU D 180 -32.57 -22.30 11.13
N GLN D 181 -33.66 -22.96 11.51
CA GLN D 181 -34.72 -22.34 12.29
C GLN D 181 -34.98 -23.20 13.49
N SER D 182 -34.78 -22.59 14.65
CA SER D 182 -34.60 -23.31 15.88
C SER D 182 -33.32 -24.13 15.64
N GLY D 183 -33.44 -25.44 15.77
CA GLY D 183 -32.36 -26.34 15.57
C GLY D 183 -32.61 -27.29 14.44
N LEU D 184 -33.49 -26.92 13.49
CA LEU D 184 -33.72 -27.75 12.32
C LEU D 184 -33.45 -26.96 11.06
N TYR D 185 -33.06 -27.66 10.01
CA TYR D 185 -32.77 -27.07 8.72
C TYR D 185 -34.03 -26.97 7.85
N THR D 186 -34.01 -25.92 7.03
CA THR D 186 -35.00 -25.72 5.97
C THR D 186 -34.26 -25.26 4.71
N LEU D 187 -34.66 -25.85 3.60
CA LEU D 187 -34.11 -25.55 2.29
C LEU D 187 -35.30 -25.35 1.35
N SER D 188 -35.08 -24.60 0.29
CA SER D 188 -36.02 -24.52 -0.81
C SER D 188 -35.28 -24.57 -2.16
N SER D 189 -36.04 -24.87 -3.19
CA SER D 189 -35.56 -24.88 -4.57
C SER D 189 -36.59 -24.26 -5.48
N SER D 190 -36.12 -23.56 -6.50
CA SER D 190 -36.99 -23.07 -7.53
C SER D 190 -36.59 -23.60 -8.90
N VAL D 191 -37.61 -23.70 -9.74
CA VAL D 191 -37.43 -24.12 -11.12
C VAL D 191 -38.33 -23.23 -11.97
N THR D 192 -37.77 -22.74 -13.08
CA THR D 192 -38.47 -21.88 -14.00
C THR D 192 -38.51 -22.55 -15.37
N VAL D 193 -39.72 -22.61 -15.92
CA VAL D 193 -39.98 -23.27 -17.19
C VAL D 193 -40.87 -22.40 -18.06
N THR D 194 -40.85 -22.64 -19.36
CA THR D 194 -41.75 -21.94 -20.26
C THR D 194 -43.18 -22.31 -19.90
N SER D 195 -44.09 -21.32 -19.94
CA SER D 195 -45.45 -21.50 -19.45
C SER D 195 -46.26 -22.56 -20.22
N SER D 196 -45.77 -22.94 -21.40
CA SER D 196 -46.35 -24.02 -22.19
C SER D 196 -45.78 -25.41 -21.81
N THR D 197 -44.81 -25.44 -20.88
CA THR D 197 -44.26 -26.68 -20.36
C THR D 197 -45.16 -27.18 -19.22
N TRP D 198 -45.59 -26.25 -18.37
CA TRP D 198 -46.33 -26.57 -17.16
C TRP D 198 -47.57 -25.70 -17.07
N PRO D 199 -48.73 -26.27 -16.66
CA PRO D 199 -48.93 -27.63 -16.13
C PRO D 199 -49.18 -28.77 -17.12
N SER D 200 -49.05 -28.53 -18.44
CA SER D 200 -49.31 -29.57 -19.43
C SER D 200 -48.37 -30.77 -19.25
N GLN D 201 -47.14 -30.53 -18.79
CA GLN D 201 -46.20 -31.60 -18.50
C GLN D 201 -45.96 -31.66 -17.00
N SER D 202 -45.69 -32.86 -16.52
CA SER D 202 -45.53 -33.12 -15.10
C SER D 202 -44.19 -32.56 -14.63
N ILE D 203 -44.20 -31.87 -13.49
CA ILE D 203 -42.97 -31.44 -12.81
C ILE D 203 -43.01 -31.90 -11.34
N THR D 204 -42.00 -32.65 -10.96
CA THR D 204 -41.95 -33.30 -9.64
C THR D 204 -40.64 -32.94 -8.96
N CYS D 205 -40.71 -32.56 -7.69
CA CYS D 205 -39.55 -32.35 -6.85
CA CYS D 205 -39.48 -32.37 -6.92
C CYS D 205 -39.18 -33.66 -6.14
N ASN D 206 -37.93 -34.12 -6.24
CA ASN D 206 -37.50 -35.38 -5.66
C ASN D 206 -36.55 -35.05 -4.53
N VAL D 207 -36.96 -35.34 -3.31
CA VAL D 207 -36.16 -35.03 -2.12
C VAL D 207 -35.80 -36.32 -1.42
N ALA D 208 -34.54 -36.43 -0.97
CA ALA D 208 -34.11 -37.54 -0.11
C ALA D 208 -33.41 -36.99 1.13
N HIS D 209 -33.72 -37.56 2.29
CA HIS D 209 -33.04 -37.23 3.51
C HIS D 209 -32.52 -38.57 4.06
N PRO D 210 -31.30 -38.95 3.66
CA PRO D 210 -30.90 -40.34 3.93
C PRO D 210 -30.80 -40.67 5.44
N ALA D 211 -30.49 -39.69 6.28
CA ALA D 211 -30.39 -39.92 7.74
C ALA D 211 -31.71 -40.42 8.37
N SER D 212 -32.84 -40.05 7.77
CA SER D 212 -34.17 -40.54 8.20
C SER D 212 -34.84 -41.53 7.22
N SER D 213 -34.07 -42.00 6.25
CA SER D 213 -34.57 -42.86 5.18
C SER D 213 -35.74 -42.25 4.39
N THR D 214 -35.80 -40.92 4.35
CA THR D 214 -36.94 -40.26 3.74
C THR D 214 -36.70 -40.06 2.25
N LYS D 215 -37.73 -40.37 1.48
CA LYS D 215 -37.76 -40.05 0.06
C LYS D 215 -39.17 -39.51 -0.24
N VAL D 216 -39.24 -38.33 -0.86
CA VAL D 216 -40.51 -37.74 -1.30
C VAL D 216 -40.40 -37.32 -2.77
N ASP D 217 -41.34 -37.76 -3.61
CA ASP D 217 -41.49 -37.27 -4.98
C ASP D 217 -42.78 -36.49 -4.98
N LYS D 218 -42.66 -35.16 -5.03
CA LYS D 218 -43.77 -34.27 -4.84
C LYS D 218 -44.13 -33.59 -6.15
N LYS D 219 -45.21 -34.03 -6.78
CA LYS D 219 -45.68 -33.40 -8.03
C LYS D 219 -46.27 -32.03 -7.72
N ILE D 220 -45.90 -31.02 -8.50
CA ILE D 220 -46.41 -29.67 -8.30
C ILE D 220 -47.67 -29.55 -9.14
N GLU D 221 -48.78 -29.28 -8.46
CA GLU D 221 -50.10 -29.12 -9.10
C GLU D 221 -50.55 -27.66 -9.03
N PRO D 222 -51.30 -27.19 -10.03
CA PRO D 222 -52.07 -25.92 -9.89
C PRO D 222 -53.00 -25.90 -8.68
N ARG D 223 -53.18 -24.71 -8.06
CA ARG D 223 -54.08 -24.57 -6.90
C ARG D 223 -55.53 -24.60 -7.37
N ALA E 2 1.61 -13.08 23.78
CA ALA E 2 2.67 -12.13 23.35
C ALA E 2 2.86 -12.19 21.83
N GLU E 3 4.09 -12.00 21.35
CA GLU E 3 4.40 -12.28 19.95
C GLU E 3 4.30 -13.78 19.71
N PHE E 4 3.87 -14.18 18.51
CA PHE E 4 3.90 -15.56 18.10
C PHE E 4 5.37 -15.94 17.86
N ARG E 5 5.67 -17.22 17.99
CA ARG E 5 7.05 -17.68 17.90
C ARG E 5 7.62 -17.55 16.48
N HIS E 6 8.73 -16.81 16.33
CA HIS E 6 9.41 -16.73 15.03
C HIS E 6 10.87 -16.53 15.31
N ASP E 7 11.75 -17.30 14.69
CA ASP E 7 13.17 -17.13 15.05
C ASP E 7 13.77 -15.81 14.57
N SER E 8 14.80 -15.34 15.29
CA SER E 8 15.51 -14.14 14.85
C SER E 8 16.18 -14.30 13.44
N ALA F 2 44.75 27.33 15.60
CA ALA F 2 46.16 27.29 15.15
C ALA F 2 46.26 27.00 13.65
N GLU F 3 47.48 27.05 13.12
CA GLU F 3 47.68 26.75 11.70
C GLU F 3 47.49 25.25 11.42
N PHE F 4 46.97 24.97 10.22
CA PHE F 4 46.98 23.61 9.71
C PHE F 4 48.40 23.27 9.28
N ARG F 5 48.70 21.99 9.24
CA ARG F 5 50.08 21.55 9.03
C ARG F 5 50.56 21.67 7.60
N HIS F 6 51.67 22.40 7.41
CA HIS F 6 52.35 22.55 6.13
C HIS F 6 53.84 22.65 6.41
N ASP F 7 54.66 22.02 5.59
CA ASP F 7 56.11 22.09 5.79
C ASP F 7 56.71 23.47 5.49
N SER F 8 57.89 23.70 6.07
CA SER F 8 58.74 24.90 5.93
C SER F 8 58.60 25.80 7.14
#